data_2F1B
#
_entry.id   2F1B
#
_cell.length_a   69.433
_cell.length_b   110.578
_cell.length_c   139.890
_cell.angle_alpha   90.00
_cell.angle_beta   90.00
_cell.angle_gamma   90.00
#
_symmetry.space_group_name_H-M   'P 21 21 21'
#
loop_
_entity.id
_entity.type
_entity.pdbx_description
1 polymer 'alpha-mannosidase II'
2 non-polymer 2-acetamido-2-deoxy-beta-D-glucopyranose
3 non-polymer 'ZINC ION'
4 non-polymer (2R,3R,4S,5R)-2-({[(1R)-2-HYDROXY-1-PHENYLETHYL]AMINO}METHYL)-5-METHYLPYRROLIDINE-3,4-DIOL
5 non-polymer (4S)-2-METHYL-2,4-PENTANEDIOL
6 water water
#
_entity_poly.entity_id   1
_entity_poly.type   'polypeptide(L)'
_entity_poly.pdbx_seq_one_letter_code
;RSSHHHHHHGEFDDPIRPPLKVARSPRPGQCQDVVQDVPNVDVQMLELYDRMSFKDIDGGVWKQGWNIKYDPLKYNAHHK
LKVFVVPHSHNDPGWIQTFEEYYQHDTKHILSNALRHLHDNPEMKFIWAEISYFARFYHDLGENKKLQMKSIVKNGQLEF
VTGGWVMPDEANSHWRNVLLQLTEGQTWLKQFMNVTPTASWAIDPFGHSPTMPYILQKSGFKNMLIQRTHYSVKKELAQQ
RQLEFLWRQIWDNKGDTALFTHMMPFYSYDIPHTCGPDPKVCCQFDFKRMGSFGLSCPWKVPPRTISDQNVAARSDLLVD
QWKKKAELYRTNVLLIPLGDDFRFKQNTEWDVQRVNYERLFEHINSQAHFNVQAQFGTLQEYFDAVHQAERAGQAEFPTL
SGDFFTYADRSDNYWSGYYTSRPYHKRMDRVLMHYVRAAEMLSAWHSWDGMARIEERLEQARRELSLFQHHDGITGTAKT
HVVVDYEQRMQEALKACQMVMQQSVYRLLTKPSIYSPDFSFSYFTLDDSRWPGSGVEDSRTTIILGEDILPSKHVVMHNT
LPHWREQLVDFYVSSPFVSVTDLANNPVEAQVSPVWSWHHDTLTKTIHPQGSTTKYRIIFKARVPPMGLATYVLTISDSK
PEHTSYASNLLLRKNPTSLPLGQYPEDVKFGDPREISLRVGNGPTLAFSEQGLLKSIQLTQDSPHVPVHFKFLKYGVRSH
GDRSGAYLFLPNGPASPVELGQPVVLVTKGKLESSVSVGLPSVVHQTIMRGGAPEIRNLVDIGSLDNTEIVMRLETHIDS
GDIFYTDLNGLQFIKRRRLDKLPLQANYYPIPSGMFIEDANTRLTLLTGQPLGGSSLASGELEIMQDRRLASDDERGLGQ
GVLDNKPVLHIYRLVLEKVNNCVRPSKLHPAGYLTSAAHKASQSLLDPLDKFIFAENEWIGAQGQFGGDHPSAREDLDVS
VMRRLTKSSAKTQRVGYVLHRTNLMQCGTPEEHTQKLDVCHLLPNVARCERTTLTFLQNLEHLDGMVAPEVCPMETAAYV
SSHSS
;
_entity_poly.pdbx_strand_id   A
#
loop_
_chem_comp.id
_chem_comp.type
_chem_comp.name
_chem_comp.formula
GB3 non-polymer (2R,3R,4S,5R)-2-({[(1R)-2-HYDROXY-1-PHENYLETHYL]AMINO}METHYL)-5-METHYLPYRROLIDINE-3,4-DIOL 'C14 H22 N2 O3'
MPD non-polymer (4S)-2-METHYL-2,4-PENTANEDIOL 'C6 H14 O2'
NAG D-saccharide, beta linking 2-acetamido-2-deoxy-beta-D-glucopyranose 'C8 H15 N O6'
ZN non-polymer 'ZINC ION' 'Zn 2'
#
# COMPACT_ATOMS: atom_id res chain seq x y z
N CYS A 31 -2.28 -13.74 25.57
CA CYS A 31 -1.97 -12.65 24.56
C CYS A 31 -1.10 -11.58 25.20
N GLN A 32 -0.08 -11.12 24.47
CA GLN A 32 0.78 -10.03 24.95
C GLN A 32 -0.05 -8.73 25.01
N ASP A 33 0.28 -7.86 25.97
CA ASP A 33 -0.35 -6.56 26.13
C ASP A 33 0.45 -5.57 25.22
N VAL A 34 -0.19 -5.08 24.15
CA VAL A 34 0.50 -4.21 23.20
C VAL A 34 0.48 -2.72 23.55
N VAL A 35 -0.12 -2.42 24.70
CA VAL A 35 -0.24 -1.03 25.14
C VAL A 35 0.63 -0.58 26.33
N GLN A 36 0.65 -1.40 27.36
CA GLN A 36 1.25 -1.06 28.65
C GLN A 36 2.66 -1.42 28.98
N ASP A 37 3.29 -2.25 28.16
CA ASP A 37 4.67 -2.67 28.38
C ASP A 37 5.63 -2.11 27.30
N VAL A 38 6.45 -1.13 27.62
CA VAL A 38 7.41 -0.58 26.62
C VAL A 38 8.52 -1.63 26.35
N PRO A 39 8.67 -2.09 25.10
CA PRO A 39 9.76 -3.08 24.87
C PRO A 39 11.15 -2.54 25.15
N ASN A 40 12.02 -3.43 25.63
CA ASN A 40 13.38 -3.04 25.86
C ASN A 40 14.24 -3.56 24.66
N VAL A 41 14.70 -2.64 23.83
CA VAL A 41 15.52 -3.01 22.64
C VAL A 41 16.82 -2.24 22.66
N ASP A 42 17.84 -2.75 21.96
CA ASP A 42 19.11 -2.06 21.89
C ASP A 42 19.05 -0.79 21.05
N VAL A 43 18.28 -0.81 19.94
CA VAL A 43 18.14 0.37 19.07
C VAL A 43 16.64 0.60 18.84
N GLN A 44 16.15 1.79 19.20
CA GLN A 44 14.73 2.14 18.97
C GLN A 44 14.83 3.36 18.06
N MET A 45 14.31 3.26 16.84
CA MET A 45 14.58 4.32 15.88
C MET A 45 14.12 5.76 16.20
N LEU A 46 13.01 5.89 16.91
CA LEU A 46 12.54 7.24 17.29
C LEU A 46 13.58 7.82 18.31
N GLU A 47 14.06 6.97 19.23
CA GLU A 47 15.04 7.46 20.22
C GLU A 47 16.36 7.79 19.53
N LEU A 48 16.77 6.95 18.59
CA LEU A 48 17.99 7.20 17.85
C LEU A 48 17.89 8.53 17.12
N TYR A 49 16.76 8.76 16.43
CA TYR A 49 16.59 10.04 15.74
C TYR A 49 16.68 11.27 16.68
N ASP A 50 16.17 11.13 17.89
CA ASP A 50 16.20 12.28 18.83
C ASP A 50 17.65 12.63 19.19
N ARG A 51 18.51 11.62 19.33
CA ARG A 51 19.94 11.82 19.71
C ARG A 51 20.91 12.18 18.57
N MET A 52 20.71 11.63 17.36
CA MET A 52 21.61 11.88 16.21
C MET A 52 21.71 13.32 15.74
N SER A 53 22.88 13.70 15.20
CA SER A 53 23.06 15.07 14.70
C SER A 53 22.79 15.32 13.19
N PHE A 54 22.84 14.25 12.42
CA PHE A 54 22.64 14.28 10.99
C PHE A 54 23.60 15.22 10.21
N LYS A 55 24.80 15.45 10.72
CA LYS A 55 25.72 16.32 9.94
C LYS A 55 26.20 15.63 8.70
N ASP A 56 26.23 16.36 7.61
CA ASP A 56 26.64 15.81 6.33
C ASP A 56 28.14 16.19 6.05
N ILE A 57 29.06 15.48 6.66
CA ILE A 57 30.44 15.81 6.42
C ILE A 57 31.10 14.88 5.45
N ASP A 58 32.13 15.40 4.76
CA ASP A 58 32.89 14.65 3.78
C ASP A 58 33.75 13.63 4.52
N GLY A 59 33.43 12.33 4.38
CA GLY A 59 34.18 11.31 5.09
C GLY A 59 35.40 10.76 4.35
N GLY A 60 35.72 11.30 3.17
CA GLY A 60 36.84 10.80 2.39
C GLY A 60 36.31 9.96 1.19
N VAL A 61 37.03 8.93 0.73
CA VAL A 61 36.58 8.11 -0.39
C VAL A 61 35.26 7.52 0.00
N TRP A 62 34.92 7.18 1.23
CA TRP A 62 33.55 6.74 1.65
C TRP A 62 32.99 8.11 2.01
N LYS A 63 32.30 8.72 1.04
CA LYS A 63 31.85 10.12 1.27
C LYS A 63 31.01 10.40 2.52
N GLN A 64 30.11 9.42 2.83
CA GLN A 64 29.22 9.58 3.96
C GLN A 64 29.59 8.75 5.20
N GLY A 65 30.84 8.27 5.21
CA GLY A 65 31.37 7.47 6.34
C GLY A 65 32.66 8.05 6.92
N TRP A 66 33.69 7.22 7.01
CA TRP A 66 35.01 7.68 7.54
C TRP A 66 36.04 6.73 6.96
N ASN A 67 37.35 7.02 7.16
CA ASN A 67 38.41 6.13 6.66
C ASN A 67 38.52 4.88 7.55
N ILE A 68 38.03 3.74 7.06
CA ILE A 68 38.02 2.55 7.88
C ILE A 68 39.42 1.97 8.05
N LYS A 69 39.76 1.61 9.30
CA LYS A 69 41.04 0.99 9.60
C LYS A 69 40.78 -0.42 10.12
N TYR A 70 41.74 -1.34 9.92
CA TYR A 70 41.57 -2.70 10.42
C TYR A 70 42.98 -3.23 10.84
N ASP A 71 42.98 -4.24 11.69
CA ASP A 71 44.23 -4.85 12.15
C ASP A 71 44.50 -6.06 11.24
N PRO A 72 45.58 -6.01 10.41
CA PRO A 72 45.85 -7.15 9.52
C PRO A 72 45.95 -8.49 10.28
N LEU A 73 46.28 -8.44 11.56
CA LEU A 73 46.40 -9.68 12.33
C LEU A 73 45.07 -10.32 12.80
N LYS A 74 43.92 -9.67 12.52
CA LYS A 74 42.63 -10.24 12.93
C LYS A 74 42.29 -11.60 12.31
N TYR A 75 42.62 -11.73 11.04
CA TYR A 75 42.37 -12.97 10.34
C TYR A 75 43.76 -13.69 10.27
N ASN A 76 43.77 -15.01 10.38
CA ASN A 76 45.00 -15.79 10.36
C ASN A 76 44.67 -17.24 10.02
N ALA A 77 45.67 -18.12 10.04
CA ALA A 77 45.41 -19.52 9.65
C ALA A 77 44.19 -20.17 10.33
N HIS A 78 43.95 -19.82 11.59
CA HIS A 78 42.85 -20.44 12.33
C HIS A 78 41.53 -19.66 12.35
N HIS A 79 41.54 -18.50 11.70
CA HIS A 79 40.34 -17.68 11.66
C HIS A 79 40.38 -16.89 10.34
N LYS A 80 39.82 -17.49 9.31
CA LYS A 80 39.87 -16.84 8.00
C LYS A 80 38.57 -16.06 7.74
N LEU A 81 38.68 -15.12 6.83
CA LEU A 81 37.51 -14.33 6.36
C LEU A 81 36.88 -15.10 5.19
N LYS A 82 35.60 -15.50 5.32
CA LYS A 82 34.90 -16.24 4.26
C LYS A 82 34.09 -15.20 3.49
N VAL A 83 34.37 -15.08 2.18
CA VAL A 83 33.72 -14.08 1.33
C VAL A 83 32.78 -14.74 0.30
N PHE A 84 31.52 -14.29 0.29
CA PHE A 84 30.54 -14.84 -0.69
C PHE A 84 30.20 -13.72 -1.70
N VAL A 85 30.62 -13.90 -2.97
CA VAL A 85 30.29 -12.94 -4.03
C VAL A 85 29.00 -13.47 -4.66
N VAL A 86 27.93 -12.64 -4.61
CA VAL A 86 26.57 -13.08 -5.02
C VAL A 86 26.11 -12.34 -6.27
N PRO A 87 26.17 -12.97 -7.46
CA PRO A 87 25.75 -12.32 -8.73
C PRO A 87 24.20 -12.09 -8.72
N HIS A 88 23.81 -10.94 -9.22
CA HIS A 88 22.34 -10.55 -9.23
C HIS A 88 22.06 -9.56 -10.37
N SER A 89 20.78 -9.40 -10.72
CA SER A 89 20.34 -8.52 -11.80
C SER A 89 19.02 -7.87 -11.35
N HIS A 90 19.04 -6.55 -11.14
CA HIS A 90 17.83 -5.84 -10.70
C HIS A 90 16.91 -5.56 -11.90
N ASN A 91 15.75 -6.24 -11.92
CA ASN A 91 14.83 -6.11 -13.08
C ASN A 91 13.54 -5.41 -12.67
N ASP A 92 13.43 -4.16 -13.04
CA ASP A 92 12.18 -3.42 -12.67
C ASP A 92 10.98 -3.83 -13.56
N PRO A 93 9.84 -4.27 -12.97
CA PRO A 93 8.63 -4.68 -13.76
C PRO A 93 7.87 -3.40 -14.20
N GLY A 94 8.56 -2.62 -15.06
CA GLY A 94 8.07 -1.33 -15.53
C GLY A 94 8.82 -0.20 -14.82
N TRP A 95 9.25 0.80 -15.60
CA TRP A 95 9.86 2.02 -15.08
C TRP A 95 10.03 3.00 -16.27
N ILE A 96 11.11 2.89 -17.03
CA ILE A 96 11.41 3.69 -18.24
C ILE A 96 10.71 3.03 -19.45
N GLN A 97 10.50 1.73 -19.36
CA GLN A 97 9.79 0.94 -20.39
C GLN A 97 8.66 0.17 -19.67
N THR A 98 7.66 -0.35 -20.39
CA THR A 98 6.63 -1.16 -19.72
C THR A 98 7.21 -2.53 -19.38
N PHE A 99 6.47 -3.28 -18.55
CA PHE A 99 6.84 -4.64 -18.23
C PHE A 99 7.14 -5.45 -19.52
N GLU A 100 6.19 -5.44 -20.48
CA GLU A 100 6.41 -6.26 -21.70
C GLU A 100 7.57 -5.76 -22.56
N GLU A 101 7.78 -4.45 -22.62
CA GLU A 101 8.91 -3.90 -23.40
C GLU A 101 10.23 -4.34 -22.76
N TYR A 102 10.37 -4.22 -21.45
CA TYR A 102 11.62 -4.71 -20.81
C TYR A 102 11.76 -6.24 -20.96
N TYR A 103 10.66 -6.97 -20.90
CA TYR A 103 10.79 -8.42 -21.07
C TYR A 103 11.36 -8.76 -22.45
N GLN A 104 10.85 -8.10 -23.49
CA GLN A 104 11.30 -8.38 -24.87
C GLN A 104 12.70 -7.88 -25.15
N HIS A 105 13.07 -6.73 -24.63
CA HIS A 105 14.39 -6.14 -24.95
C HIS A 105 15.50 -6.63 -24.05
N ASP A 106 15.19 -6.92 -22.79
CA ASP A 106 16.21 -7.30 -21.82
C ASP A 106 16.06 -8.59 -21.03
N THR A 107 14.95 -8.71 -20.30
CA THR A 107 14.82 -9.81 -19.33
C THR A 107 14.76 -11.21 -19.91
N LYS A 108 14.13 -11.36 -21.08
CA LYS A 108 14.11 -12.73 -21.62
C LYS A 108 15.54 -13.20 -22.03
N HIS A 109 16.39 -12.25 -22.40
CA HIS A 109 17.78 -12.59 -22.79
C HIS A 109 18.59 -12.85 -21.51
N ILE A 110 18.36 -12.06 -20.45
CA ILE A 110 19.06 -12.31 -19.19
C ILE A 110 18.75 -13.75 -18.67
N LEU A 111 17.46 -14.13 -18.68
CA LEU A 111 17.10 -15.43 -18.19
C LEU A 111 17.56 -16.59 -19.07
N SER A 112 17.50 -16.37 -20.37
CA SER A 112 17.94 -17.44 -21.33
C SER A 112 19.45 -17.65 -21.21
N ASN A 113 20.19 -16.54 -21.06
CA ASN A 113 21.65 -16.68 -20.93
C ASN A 113 22.05 -17.15 -19.53
N ALA A 114 21.24 -16.83 -18.50
CA ALA A 114 21.53 -17.39 -17.17
C ALA A 114 21.37 -18.92 -17.21
N LEU A 115 20.30 -19.40 -17.87
CA LEU A 115 20.11 -20.84 -17.92
C LEU A 115 21.32 -21.52 -18.64
N ARG A 116 21.75 -20.94 -19.76
CA ARG A 116 22.89 -21.53 -20.49
C ARG A 116 24.20 -21.48 -19.67
N HIS A 117 24.50 -20.29 -19.14
CA HIS A 117 25.75 -20.16 -18.39
C HIS A 117 25.82 -20.91 -17.09
C HIS A 117 25.92 -21.08 -17.21
N LEU A 118 24.75 -20.95 -16.28
CA LEU A 118 24.79 -21.75 -15.07
C LEU A 118 24.86 -23.24 -15.42
N HIS A 119 24.11 -23.66 -16.42
CA HIS A 119 24.16 -25.08 -16.78
C HIS A 119 25.62 -25.49 -17.13
N ASP A 120 26.30 -24.64 -17.90
CA ASP A 120 27.68 -24.97 -18.35
C ASP A 120 28.83 -24.70 -17.35
N ASN A 121 28.58 -23.94 -16.30
CA ASN A 121 29.60 -23.58 -15.28
C ASN A 121 29.07 -23.90 -13.90
N PRO A 122 29.22 -25.15 -13.46
CA PRO A 122 28.71 -25.61 -12.16
C PRO A 122 28.99 -24.86 -10.89
N GLU A 123 30.06 -24.07 -10.86
CA GLU A 123 30.36 -23.31 -9.65
C GLU A 123 29.79 -21.88 -9.66
N MET A 124 29.26 -21.43 -10.82
CA MET A 124 28.69 -20.08 -10.94
C MET A 124 27.32 -20.12 -10.23
N LYS A 125 26.93 -18.98 -9.64
CA LYS A 125 25.67 -18.81 -8.90
C LYS A 125 24.95 -17.53 -9.35
N PHE A 126 23.67 -17.44 -9.02
CA PHE A 126 22.85 -16.27 -9.42
C PHE A 126 21.58 -16.24 -8.55
N ILE A 127 21.16 -15.03 -8.17
CA ILE A 127 19.91 -14.92 -7.39
C ILE A 127 18.84 -14.16 -8.20
N TRP A 128 17.57 -14.49 -7.99
CA TRP A 128 16.48 -13.87 -8.76
C TRP A 128 15.33 -13.47 -7.82
N ALA A 129 14.82 -12.23 -7.98
CA ALA A 129 13.75 -11.76 -7.07
C ALA A 129 12.34 -11.61 -7.67
N GLU A 130 12.22 -11.15 -8.90
CA GLU A 130 10.88 -10.75 -9.45
C GLU A 130 10.21 -11.92 -10.18
N ILE A 131 9.22 -12.54 -9.54
CA ILE A 131 8.60 -13.74 -10.12
C ILE A 131 7.66 -13.38 -11.28
N SER A 132 7.13 -12.16 -11.35
CA SER A 132 6.30 -11.78 -12.52
C SER A 132 7.11 -12.04 -13.82
N TYR A 133 8.36 -11.58 -13.88
CA TYR A 133 9.22 -11.83 -15.04
C TYR A 133 9.56 -13.30 -15.19
N PHE A 134 9.85 -14.01 -14.08
CA PHE A 134 10.27 -15.40 -14.22
C PHE A 134 9.13 -16.28 -14.78
N ALA A 135 7.91 -16.04 -14.29
CA ALA A 135 6.75 -16.82 -14.74
C ALA A 135 6.51 -16.47 -16.24
N ARG A 136 6.63 -15.20 -16.64
CA ARG A 136 6.43 -14.77 -18.05
C ARG A 136 7.45 -15.54 -18.96
N PHE A 137 8.67 -15.77 -18.47
CA PHE A 137 9.72 -16.48 -19.22
C PHE A 137 9.50 -18.00 -19.25
N TYR A 138 9.30 -18.59 -18.08
CA TYR A 138 9.14 -20.03 -17.93
C TYR A 138 8.00 -20.62 -18.77
N HIS A 139 6.87 -19.94 -18.83
CA HIS A 139 5.76 -20.47 -19.58
C HIS A 139 5.99 -20.46 -21.08
N ASP A 140 6.98 -19.69 -21.56
CA ASP A 140 7.35 -19.68 -22.99
C ASP A 140 8.47 -20.67 -23.35
N LEU A 141 9.04 -21.35 -22.36
CA LEU A 141 10.12 -22.33 -22.60
C LEU A 141 9.64 -23.70 -23.02
N GLY A 142 10.46 -24.35 -23.85
CA GLY A 142 10.14 -25.71 -24.25
C GLY A 142 10.40 -26.65 -23.10
N GLU A 143 9.83 -27.85 -23.16
CA GLU A 143 9.97 -28.81 -22.06
C GLU A 143 11.42 -29.16 -21.70
N ASN A 144 12.29 -29.29 -22.68
CA ASN A 144 13.68 -29.64 -22.40
C ASN A 144 14.35 -28.54 -21.52
N LYS A 145 14.13 -27.28 -21.86
CA LYS A 145 14.71 -26.15 -21.12
C LYS A 145 14.02 -26.00 -19.76
N LYS A 146 12.71 -26.30 -19.67
CA LYS A 146 12.02 -26.24 -18.35
C LYS A 146 12.72 -27.22 -17.41
N LEU A 147 13.03 -28.42 -17.90
CA LEU A 147 13.74 -29.43 -17.11
C LEU A 147 15.18 -28.95 -16.75
N GLN A 148 15.91 -28.33 -17.67
CA GLN A 148 17.24 -27.80 -17.36
C GLN A 148 17.09 -26.72 -16.26
N MET A 149 16.06 -25.86 -16.34
CA MET A 149 15.87 -24.78 -15.34
C MET A 149 15.56 -25.38 -13.97
N LYS A 150 14.68 -26.37 -13.93
CA LYS A 150 14.38 -26.99 -12.65
C LYS A 150 15.63 -27.62 -12.03
N SER A 151 16.53 -28.15 -12.86
CA SER A 151 17.74 -28.76 -12.35
C SER A 151 18.72 -27.75 -11.73
N ILE A 152 18.90 -26.56 -12.34
CA ILE A 152 19.83 -25.62 -11.72
C ILE A 152 19.22 -24.94 -10.48
N VAL A 153 17.91 -25.04 -10.29
CA VAL A 153 17.28 -24.54 -9.06
C VAL A 153 17.43 -25.62 -7.96
N LYS A 154 17.14 -26.86 -8.33
CA LYS A 154 17.24 -27.97 -7.36
C LYS A 154 18.68 -28.15 -6.84
N ASN A 155 19.68 -27.96 -7.70
CA ASN A 155 21.10 -28.09 -7.30
C ASN A 155 21.71 -26.84 -6.62
N GLY A 156 20.91 -25.79 -6.43
CA GLY A 156 21.38 -24.59 -5.73
C GLY A 156 22.12 -23.52 -6.49
N GLN A 157 22.28 -23.64 -7.83
CA GLN A 157 23.00 -22.60 -8.58
C GLN A 157 22.13 -21.33 -8.78
N LEU A 158 20.84 -21.49 -9.12
CA LEU A 158 19.92 -20.36 -9.28
C LEU A 158 19.02 -20.41 -8.04
N GLU A 159 19.04 -19.32 -7.29
CA GLU A 159 18.23 -19.26 -6.05
C GLU A 159 17.30 -18.04 -6.05
N PHE A 160 16.03 -18.32 -5.71
CA PHE A 160 15.04 -17.27 -5.61
C PHE A 160 15.12 -16.62 -4.23
N VAL A 161 15.10 -15.30 -4.26
CA VAL A 161 15.15 -14.46 -3.05
C VAL A 161 13.80 -13.72 -2.98
N THR A 162 13.20 -13.75 -1.78
CA THR A 162 11.84 -13.24 -1.45
C THR A 162 10.75 -14.08 -2.20
N GLY A 163 10.79 -14.03 -3.52
CA GLY A 163 9.81 -14.79 -4.29
C GLY A 163 8.47 -14.12 -4.48
N GLY A 164 8.42 -12.81 -4.28
CA GLY A 164 7.16 -12.11 -4.57
C GLY A 164 7.01 -11.80 -6.05
N TRP A 165 5.78 -11.53 -6.47
CA TRP A 165 5.52 -11.12 -7.85
C TRP A 165 6.45 -9.94 -8.25
N VAL A 166 6.70 -9.03 -7.30
CA VAL A 166 7.55 -7.86 -7.49
C VAL A 166 8.40 -7.63 -6.22
N MET A 167 9.18 -6.56 -6.20
CA MET A 167 9.94 -6.09 -4.97
C MET A 167 9.11 -4.80 -4.70
N PRO A 168 8.10 -4.91 -3.82
CA PRO A 168 7.22 -3.78 -3.60
C PRO A 168 7.72 -2.55 -2.91
N ASP A 169 7.07 -1.44 -3.25
CA ASP A 169 7.21 -0.22 -2.44
C ASP A 169 6.78 -0.61 -1.01
N GLU A 170 7.40 0.03 -0.02
CA GLU A 170 7.05 -0.26 1.39
C GLU A 170 6.39 0.97 2.06
N ALA A 171 6.26 2.11 1.35
CA ALA A 171 5.64 3.32 1.96
C ALA A 171 4.14 3.45 1.71
N ASN A 172 3.75 3.35 0.44
CA ASN A 172 2.32 3.54 0.04
C ASN A 172 1.50 2.28 0.00
N SER A 173 2.17 1.13 -0.04
CA SER A 173 1.46 -0.14 -0.18
C SER A 173 0.66 -0.54 1.05
N HIS A 174 -0.53 -1.10 0.81
CA HIS A 174 -1.32 -1.62 1.97
C HIS A 174 -0.79 -3.02 2.31
N TRP A 175 -0.72 -3.38 3.59
CA TRP A 175 -0.19 -4.73 3.97
C TRP A 175 -0.97 -5.84 3.27
N ARG A 176 -2.28 -5.63 3.02
CA ARG A 176 -3.07 -6.69 2.36
C ARG A 176 -2.52 -6.95 0.95
N ASN A 177 -2.10 -5.91 0.22
CA ASN A 177 -1.52 -6.09 -1.13
C ASN A 177 -0.07 -6.55 -1.13
N VAL A 178 0.66 -6.20 -0.07
CA VAL A 178 2.04 -6.74 0.04
C VAL A 178 1.88 -8.29 0.21
N LEU A 179 0.93 -8.75 1.02
CA LEU A 179 0.73 -10.19 1.20
C LEU A 179 0.20 -10.82 -0.08
N LEU A 180 -0.68 -10.11 -0.82
CA LEU A 180 -1.27 -10.66 -2.07
C LEU A 180 -0.14 -10.93 -3.07
N GLN A 181 0.76 -9.94 -3.27
CA GLN A 181 1.83 -10.17 -4.29
C GLN A 181 2.85 -11.21 -3.84
N LEU A 182 3.13 -11.29 -2.52
CA LEU A 182 4.08 -12.30 -1.99
C LEU A 182 3.47 -13.66 -2.24
N THR A 183 2.17 -13.81 -2.01
CA THR A 183 1.48 -15.08 -2.17
C THR A 183 1.42 -15.46 -3.67
N GLU A 184 1.26 -14.48 -4.56
CA GLU A 184 1.15 -14.80 -5.97
C GLU A 184 2.47 -15.37 -6.47
N GLY A 185 3.58 -14.75 -6.10
CA GLY A 185 4.86 -15.27 -6.56
C GLY A 185 5.24 -16.58 -5.86
N GLN A 186 5.04 -16.72 -4.56
CA GLN A 186 5.45 -17.98 -3.87
C GLN A 186 4.55 -19.15 -4.28
N THR A 187 3.26 -18.91 -4.55
CA THR A 187 2.40 -20.01 -4.98
C THR A 187 2.90 -20.55 -6.33
N TRP A 188 3.27 -19.65 -7.25
CA TRP A 188 3.83 -20.04 -8.56
C TRP A 188 5.13 -20.83 -8.32
N LEU A 189 6.01 -20.33 -7.47
CA LEU A 189 7.27 -21.06 -7.21
C LEU A 189 7.04 -22.44 -6.63
N LYS A 190 6.11 -22.62 -5.69
CA LYS A 190 5.89 -23.93 -5.11
C LYS A 190 5.38 -24.90 -6.20
N GLN A 191 4.45 -24.42 -7.02
CA GLN A 191 3.86 -25.30 -8.05
C GLN A 191 4.87 -25.70 -9.13
N PHE A 192 5.61 -24.75 -9.68
CA PHE A 192 6.50 -25.06 -10.79
C PHE A 192 7.98 -25.31 -10.50
N MET A 193 8.52 -24.78 -9.39
CA MET A 193 9.94 -24.95 -9.07
C MET A 193 10.14 -25.76 -7.82
N ASN A 194 9.05 -26.07 -7.11
CA ASN A 194 9.11 -26.81 -5.84
C ASN A 194 10.06 -26.19 -4.79
N VAL A 195 10.03 -24.87 -4.64
CA VAL A 195 10.87 -24.22 -3.60
C VAL A 195 10.07 -23.05 -3.02
N THR A 196 10.33 -22.75 -1.76
CA THR A 196 9.73 -21.59 -1.04
C THR A 196 10.88 -20.80 -0.35
N PRO A 197 11.23 -19.59 -0.85
CA PRO A 197 12.32 -18.81 -0.25
C PRO A 197 12.09 -18.49 1.19
N THR A 198 13.18 -18.52 2.00
CA THR A 198 13.11 -18.11 3.41
C THR A 198 14.03 -16.91 3.67
N ALA A 199 14.67 -16.38 2.63
CA ALA A 199 15.49 -15.15 2.76
C ALA A 199 14.92 -14.10 1.78
N SER A 200 14.77 -12.86 2.25
CA SER A 200 14.23 -11.74 1.45
C SER A 200 15.35 -10.77 1.04
N TRP A 201 15.22 -10.24 -0.17
CA TRP A 201 16.16 -9.29 -0.81
C TRP A 201 15.37 -8.06 -1.29
N ALA A 202 15.61 -6.92 -0.61
CA ALA A 202 14.90 -5.64 -0.98
C ALA A 202 15.93 -4.53 -1.08
N ILE A 203 16.57 -4.45 -2.26
CA ILE A 203 17.68 -3.47 -2.50
C ILE A 203 17.27 -2.09 -3.05
N ASP A 204 16.01 -1.95 -3.50
CA ASP A 204 15.61 -0.69 -4.11
C ASP A 204 14.41 0.12 -3.55
N PRO A 205 13.49 -0.46 -2.72
CA PRO A 205 12.41 0.44 -2.24
C PRO A 205 13.00 1.68 -1.52
N PHE A 206 12.26 2.81 -1.55
CA PHE A 206 12.85 4.11 -1.07
C PHE A 206 12.53 4.32 0.42
N GLY A 207 13.32 3.64 1.27
CA GLY A 207 13.02 3.59 2.68
C GLY A 207 12.33 2.25 2.97
N HIS A 208 12.36 1.84 4.23
CA HIS A 208 11.86 0.49 4.61
C HIS A 208 10.91 0.47 5.81
N SER A 209 9.96 -0.48 5.77
CA SER A 209 8.88 -0.57 6.77
C SER A 209 8.93 -1.86 7.56
N PRO A 210 8.63 -1.79 8.90
CA PRO A 210 8.63 -3.04 9.72
C PRO A 210 7.44 -3.97 9.32
N THR A 211 6.50 -3.47 8.48
CA THR A 211 5.44 -4.35 8.00
C THR A 211 6.04 -5.55 7.24
N MET A 212 7.20 -5.34 6.61
CA MET A 212 7.86 -6.44 5.88
C MET A 212 8.30 -7.60 6.78
N PRO A 213 9.13 -7.36 7.84
CA PRO A 213 9.46 -8.52 8.70
C PRO A 213 8.18 -9.08 9.36
N TYR A 214 7.15 -8.23 9.64
CA TYR A 214 5.89 -8.75 10.25
C TYR A 214 5.29 -9.88 9.36
N ILE A 215 5.08 -9.53 8.08
CA ILE A 215 4.50 -10.49 7.12
C ILE A 215 5.46 -11.66 6.82
N LEU A 216 6.72 -11.35 6.61
CA LEU A 216 7.71 -12.42 6.27
C LEU A 216 7.88 -13.46 7.38
N GLN A 217 7.96 -12.99 8.63
CA GLN A 217 8.16 -13.91 9.75
C GLN A 217 6.93 -14.83 9.91
N LYS A 218 5.74 -14.36 9.53
CA LYS A 218 4.50 -15.17 9.59
C LYS A 218 4.29 -15.99 8.28
N SER A 219 5.25 -15.94 7.38
CA SER A 219 5.24 -16.66 6.09
C SER A 219 6.49 -17.57 5.94
N GLY A 220 7.05 -17.98 7.09
CA GLY A 220 8.18 -18.92 7.07
C GLY A 220 9.57 -18.35 6.93
N PHE A 221 9.74 -17.03 6.81
CA PHE A 221 11.10 -16.50 6.57
C PHE A 221 11.96 -16.53 7.80
N LYS A 222 13.26 -16.58 7.54
CA LYS A 222 14.26 -16.56 8.61
C LYS A 222 15.23 -15.39 8.52
N ASN A 223 15.33 -14.75 7.35
CA ASN A 223 16.30 -13.69 7.17
C ASN A 223 15.81 -12.69 6.11
N MET A 224 16.27 -11.43 6.23
CA MET A 224 15.94 -10.41 5.20
C MET A 224 17.09 -9.38 5.08
N LEU A 225 17.15 -8.75 3.89
CA LEU A 225 18.16 -7.75 3.58
C LEU A 225 17.48 -6.49 3.04
N ILE A 226 18.02 -5.33 3.46
CA ILE A 226 17.57 -3.99 3.02
C ILE A 226 18.74 -3.09 2.65
N GLN A 227 18.48 -2.06 1.86
CA GLN A 227 19.53 -1.16 1.38
C GLN A 227 19.26 0.35 1.50
N ARG A 228 18.10 0.84 1.09
CA ARG A 228 17.92 2.28 1.09
C ARG A 228 17.43 2.86 2.39
N THR A 229 18.40 3.22 3.22
CA THR A 229 18.16 3.87 4.50
C THR A 229 19.02 5.13 4.49
N HIS A 230 18.58 6.09 5.30
CA HIS A 230 19.27 7.40 5.37
C HIS A 230 20.78 7.26 5.58
N TYR A 231 21.57 8.03 4.82
CA TYR A 231 23.03 7.90 4.96
C TYR A 231 23.49 8.15 6.40
N SER A 232 22.81 8.96 7.17
CA SER A 232 23.23 9.22 8.58
C SER A 232 22.99 8.00 9.43
N VAL A 233 21.89 7.27 9.15
CA VAL A 233 21.61 6.03 9.86
C VAL A 233 22.69 4.93 9.53
N LYS A 234 23.05 4.78 8.27
CA LYS A 234 24.10 3.79 7.93
C LYS A 234 25.38 4.14 8.69
N LYS A 235 25.74 5.43 8.79
CA LYS A 235 26.98 5.81 9.48
C LYS A 235 26.92 5.48 10.97
N GLU A 236 25.81 5.80 11.61
CA GLU A 236 25.61 5.57 13.03
C GLU A 236 25.61 4.08 13.35
N LEU A 237 24.83 3.29 12.60
CA LEU A 237 24.79 1.87 12.90
C LEU A 237 26.15 1.21 12.53
N ALA A 238 26.82 1.65 11.48
CA ALA A 238 28.10 1.03 11.15
C ALA A 238 29.12 1.27 12.27
N GLN A 239 29.12 2.46 12.87
CA GLN A 239 30.11 2.75 13.92
C GLN A 239 29.95 1.81 15.10
N GLN A 240 28.73 1.35 15.38
CA GLN A 240 28.44 0.44 16.49
C GLN A 240 28.29 -1.02 16.09
N ARG A 241 28.62 -1.32 14.83
CA ARG A 241 28.42 -2.66 14.28
C ARG A 241 27.01 -3.17 14.55
N GLN A 242 26.03 -2.29 14.23
CA GLN A 242 24.58 -2.63 14.41
C GLN A 242 23.83 -2.70 13.07
N LEU A 243 24.58 -3.01 12.00
CA LEU A 243 23.95 -3.15 10.66
C LEU A 243 23.21 -4.49 10.50
N GLU A 244 23.50 -5.49 11.37
CA GLU A 244 22.75 -6.75 11.40
C GLU A 244 22.06 -6.72 12.75
N PHE A 245 20.75 -6.95 12.74
CA PHE A 245 19.94 -6.83 13.95
C PHE A 245 18.69 -7.72 13.88
N LEU A 246 18.10 -8.00 15.04
CA LEU A 246 16.84 -8.78 15.17
C LEU A 246 15.72 -7.71 15.18
N TRP A 247 15.03 -7.57 14.04
CA TRP A 247 14.02 -6.51 13.89
C TRP A 247 12.68 -7.00 14.37
N ARG A 248 12.20 -6.43 15.50
CA ARG A 248 10.88 -6.79 16.05
C ARG A 248 9.94 -5.62 15.92
N GLN A 249 8.64 -5.92 16.09
CA GLN A 249 7.62 -4.85 16.02
C GLN A 249 7.70 -3.90 17.22
N ILE A 250 7.27 -2.67 17.02
CA ILE A 250 7.42 -1.63 18.08
C ILE A 250 6.66 -1.93 19.37
N TRP A 251 5.62 -2.77 19.31
CA TRP A 251 4.83 -3.08 20.51
C TRP A 251 5.18 -4.43 21.13
N ASP A 252 6.10 -5.17 20.48
CA ASP A 252 6.46 -6.53 20.89
C ASP A 252 7.44 -6.66 22.04
N ASN A 253 6.92 -6.89 23.25
CA ASN A 253 7.78 -6.96 24.40
C ASN A 253 8.63 -8.23 24.54
N LYS A 254 8.06 -9.33 24.08
CA LYS A 254 8.70 -10.65 24.18
C LYS A 254 9.72 -10.94 23.08
N GLY A 255 9.47 -10.38 21.90
CA GLY A 255 10.38 -10.65 20.79
C GLY A 255 9.95 -11.77 19.82
N ASP A 256 8.74 -12.33 19.92
CA ASP A 256 8.33 -13.41 19.02
C ASP A 256 8.18 -13.00 17.56
N THR A 257 8.09 -11.69 17.30
CA THR A 257 7.95 -11.23 15.91
C THR A 257 9.34 -11.00 15.22
N ALA A 258 10.43 -11.11 16.00
CA ALA A 258 11.77 -10.82 15.49
C ALA A 258 12.21 -11.57 14.22
N LEU A 259 12.84 -10.82 13.30
CA LEU A 259 13.40 -11.39 12.05
C LEU A 259 14.78 -10.84 11.87
N PHE A 260 15.77 -11.75 11.66
CA PHE A 260 17.16 -11.31 11.43
C PHE A 260 17.24 -10.45 10.15
N THR A 261 17.86 -9.27 10.27
CA THR A 261 17.93 -8.33 9.16
C THR A 261 19.36 -7.88 8.93
N HIS A 262 19.75 -7.82 7.64
CA HIS A 262 21.05 -7.31 7.24
C HIS A 262 20.84 -6.00 6.45
N MET A 263 21.37 -4.89 6.97
CA MET A 263 21.33 -3.60 6.27
C MET A 263 22.68 -3.41 5.53
N MET A 264 22.65 -3.18 4.23
CA MET A 264 23.88 -2.94 3.41
C MET A 264 24.42 -1.56 3.90
N PRO A 265 25.75 -1.35 3.90
CA PRO A 265 26.33 -0.11 4.43
C PRO A 265 26.53 1.12 3.64
N PHE A 266 26.50 0.97 2.31
CA PHE A 266 26.90 2.05 1.40
C PHE A 266 25.81 2.71 0.58
N TYR A 267 26.20 3.62 -0.29
CA TYR A 267 25.24 4.48 -1.03
C TYR A 267 24.36 3.78 -2.04
N SER A 268 24.85 2.72 -2.68
CA SER A 268 24.07 2.00 -3.70
C SER A 268 24.31 0.52 -3.64
N TYR A 269 23.45 -0.25 -4.33
CA TYR A 269 23.66 -1.69 -4.47
C TYR A 269 24.53 -2.05 -5.72
N ASP A 270 24.98 -1.03 -6.48
CA ASP A 270 25.80 -1.29 -7.70
C ASP A 270 27.20 -1.77 -7.32
N ILE A 271 27.96 -2.26 -8.32
CA ILE A 271 29.28 -2.83 -7.99
C ILE A 271 30.26 -1.79 -7.34
N PRO A 272 30.28 -0.51 -7.81
CA PRO A 272 31.19 0.47 -7.17
C PRO A 272 30.88 0.66 -5.66
N HIS A 273 29.63 0.38 -5.20
CA HIS A 273 29.30 0.61 -3.78
C HIS A 273 29.00 -0.69 -3.01
N THR A 274 29.52 -1.80 -3.53
CA THR A 274 29.34 -3.09 -2.86
C THR A 274 30.59 -3.92 -2.56
N CYS A 275 31.77 -3.57 -3.10
CA CYS A 275 32.97 -4.36 -2.74
C CYS A 275 33.68 -3.81 -1.48
N GLY A 276 33.42 -2.55 -1.13
CA GLY A 276 34.13 -1.88 -0.04
C GLY A 276 33.81 -0.40 -0.05
N PRO A 277 34.44 0.42 0.84
CA PRO A 277 34.20 1.86 0.98
C PRO A 277 34.64 2.82 -0.10
N ASP A 278 35.55 2.37 -0.98
CA ASP A 278 36.08 3.28 -2.03
C ASP A 278 35.58 2.93 -3.42
N PRO A 279 34.59 3.69 -3.90
CA PRO A 279 34.04 3.39 -5.24
C PRO A 279 35.02 3.51 -6.38
N LYS A 280 36.07 4.35 -6.23
CA LYS A 280 37.07 4.46 -7.30
C LYS A 280 37.81 3.14 -7.46
N VAL A 281 37.97 2.37 -6.36
CA VAL A 281 38.58 1.05 -6.44
C VAL A 281 37.58 -0.05 -6.89
N CYS A 282 36.41 -0.05 -6.26
CA CYS A 282 35.40 -1.08 -6.58
C CYS A 282 34.95 -1.02 -8.05
N CYS A 283 34.89 0.18 -8.62
CA CYS A 283 34.48 0.26 -10.01
C CYS A 283 35.43 -0.53 -10.92
N GLN A 284 36.70 -0.65 -10.52
CA GLN A 284 37.66 -1.43 -11.33
C GLN A 284 37.42 -2.94 -11.31
N PHE A 285 36.42 -3.39 -10.54
CA PHE A 285 36.10 -4.79 -10.44
C PHE A 285 34.70 -5.10 -10.98
N ASP A 286 34.20 -4.12 -11.73
CA ASP A 286 32.93 -4.30 -12.50
C ASP A 286 33.47 -4.47 -13.94
N PHE A 287 33.64 -5.72 -14.37
CA PHE A 287 34.27 -5.98 -15.69
C PHE A 287 33.44 -5.66 -16.89
N LYS A 288 32.18 -5.22 -16.69
CA LYS A 288 31.39 -4.76 -17.83
C LYS A 288 31.77 -3.31 -18.20
N ARG A 289 32.67 -2.66 -17.43
CA ARG A 289 32.95 -1.26 -17.70
C ARG A 289 34.28 -0.91 -18.45
N MET A 290 34.80 -1.79 -19.33
CA MET A 290 36.06 -1.48 -20.03
C MET A 290 35.94 -0.76 -21.41
N GLY A 291 34.69 -0.61 -21.91
CA GLY A 291 34.44 0.10 -23.16
C GLY A 291 33.47 -0.46 -24.22
N SER A 292 33.68 -1.72 -24.61
CA SER A 292 32.84 -2.35 -25.63
C SER A 292 31.33 -2.49 -25.31
N PHE A 293 30.97 -2.34 -24.03
CA PHE A 293 29.58 -2.39 -23.60
C PHE A 293 28.98 -1.00 -23.44
N GLY A 294 29.76 0.03 -23.76
CA GLY A 294 29.24 1.39 -23.62
C GLY A 294 29.15 1.90 -22.18
N LEU A 295 29.90 1.28 -21.28
CA LEU A 295 29.93 1.70 -19.89
C LEU A 295 31.38 2.09 -19.51
N SER A 296 31.50 2.93 -18.49
CA SER A 296 32.81 3.41 -17.98
C SER A 296 32.71 3.71 -16.49
N CYS A 297 33.84 4.04 -15.84
CA CYS A 297 33.90 4.38 -14.41
C CYS A 297 33.98 5.90 -14.25
N PRO A 298 33.02 6.50 -13.53
CA PRO A 298 33.12 7.95 -13.43
C PRO A 298 34.29 8.46 -12.59
N TRP A 299 34.90 7.56 -11.84
CA TRP A 299 36.04 7.95 -10.98
C TRP A 299 37.32 7.97 -11.80
N LYS A 300 37.17 7.72 -13.10
CA LYS A 300 38.27 7.80 -14.06
C LYS A 300 39.36 6.73 -14.11
N VAL A 301 39.21 5.65 -13.36
CA VAL A 301 40.16 4.56 -13.44
C VAL A 301 39.33 3.37 -13.94
N PRO A 302 39.67 2.82 -15.10
CA PRO A 302 38.89 1.71 -15.61
C PRO A 302 39.27 0.34 -15.09
N PRO A 303 38.39 -0.66 -15.31
CA PRO A 303 38.76 -2.00 -14.87
C PRO A 303 39.84 -2.48 -15.88
N ARG A 304 40.66 -3.43 -15.46
CA ARG A 304 41.63 -4.05 -16.35
C ARG A 304 41.51 -5.56 -16.22
N THR A 305 41.63 -6.26 -17.35
CA THR A 305 41.54 -7.72 -17.43
C THR A 305 42.56 -8.33 -16.49
N ILE A 306 42.16 -9.30 -15.69
CA ILE A 306 43.07 -9.94 -14.75
C ILE A 306 44.00 -10.91 -15.49
N SER A 307 45.31 -10.77 -15.24
CA SER A 307 46.34 -11.64 -15.87
C SER A 307 47.27 -12.19 -14.80
N ASP A 308 48.16 -13.12 -15.17
CA ASP A 308 49.10 -13.62 -14.15
C ASP A 308 50.09 -12.52 -13.70
N GLN A 309 50.34 -11.48 -14.53
CA GLN A 309 51.24 -10.36 -14.17
C GLN A 309 50.63 -9.27 -13.32
N ASN A 310 49.30 -9.20 -13.24
CA ASN A 310 48.72 -8.18 -12.38
C ASN A 310 47.82 -8.78 -11.29
N VAL A 311 47.61 -10.10 -11.27
CA VAL A 311 46.62 -10.66 -10.28
C VAL A 311 47.04 -10.38 -8.83
N ALA A 312 48.34 -10.38 -8.54
CA ALA A 312 48.77 -10.08 -7.16
C ALA A 312 48.45 -8.64 -6.72
N ALA A 313 48.71 -7.63 -7.56
CA ALA A 313 48.43 -6.23 -7.20
C ALA A 313 46.90 -6.00 -7.20
N ARG A 314 46.17 -6.63 -8.11
CA ARG A 314 44.70 -6.42 -8.13
C ARG A 314 44.08 -7.08 -6.88
N SER A 315 44.55 -8.27 -6.53
CA SER A 315 44.04 -8.98 -5.32
C SER A 315 44.40 -8.16 -4.10
N ASP A 316 45.60 -7.57 -4.07
CA ASP A 316 45.93 -6.74 -2.89
C ASP A 316 44.92 -5.60 -2.68
C ASP A 316 44.75 -5.85 -2.46
N LEU A 317 44.54 -4.92 -3.77
CA LEU A 317 43.57 -3.82 -3.68
C LEU A 317 42.17 -4.33 -3.29
N LEU A 318 41.74 -5.42 -3.91
CA LEU A 318 40.38 -5.97 -3.65
C LEU A 318 40.26 -6.53 -2.23
N VAL A 319 41.20 -7.35 -1.80
CA VAL A 319 41.14 -7.89 -0.43
C VAL A 319 41.16 -6.73 0.61
N ASP A 320 41.90 -5.63 0.36
CA ASP A 320 41.90 -4.50 1.31
C ASP A 320 40.48 -3.91 1.44
N GLN A 321 39.78 -3.77 0.30
CA GLN A 321 38.40 -3.26 0.34
C GLN A 321 37.50 -4.23 1.14
N TRP A 322 37.62 -5.55 0.89
CA TRP A 322 36.82 -6.54 1.61
C TRP A 322 37.08 -6.49 3.12
N LYS A 323 38.34 -6.32 3.51
CA LYS A 323 38.64 -6.30 4.98
C LYS A 323 38.13 -5.04 5.63
N LYS A 324 38.11 -3.95 4.90
CA LYS A 324 37.50 -2.72 5.41
C LYS A 324 35.98 -2.92 5.59
N LYS A 325 35.28 -3.49 4.60
CA LYS A 325 33.84 -3.72 4.71
C LYS A 325 33.57 -4.65 5.89
N ALA A 326 34.41 -5.66 6.05
CA ALA A 326 34.21 -6.63 7.13
C ALA A 326 34.31 -6.02 8.54
N GLU A 327 35.02 -4.91 8.64
CA GLU A 327 35.14 -4.23 9.93
C GLU A 327 33.80 -3.69 10.45
N LEU A 328 32.82 -3.53 9.54
CA LEU A 328 31.53 -2.95 9.92
C LEU A 328 30.55 -3.98 10.44
N TYR A 329 30.91 -5.25 10.42
CA TYR A 329 30.07 -6.37 10.84
C TYR A 329 30.71 -7.26 11.88
N ARG A 330 29.91 -8.11 12.50
CA ARG A 330 30.38 -8.93 13.61
C ARG A 330 30.93 -10.33 13.39
N THR A 331 30.70 -10.93 12.22
CA THR A 331 31.19 -12.31 12.02
C THR A 331 32.33 -12.32 11.01
N ASN A 332 32.90 -13.50 10.78
CA ASN A 332 33.95 -13.64 9.77
C ASN A 332 33.40 -14.12 8.43
N VAL A 333 32.11 -13.85 8.19
CA VAL A 333 31.45 -14.20 6.92
C VAL A 333 31.01 -12.87 6.27
N LEU A 334 31.45 -12.59 5.03
CA LEU A 334 31.22 -11.29 4.35
C LEU A 334 30.40 -11.46 3.07
N LEU A 335 29.35 -10.62 2.97
CA LEU A 335 28.46 -10.61 1.77
C LEU A 335 28.96 -9.52 0.77
N ILE A 336 29.23 -9.95 -0.48
CA ILE A 336 29.63 -9.03 -1.54
C ILE A 336 28.67 -9.19 -2.75
N PRO A 337 27.58 -8.39 -2.80
CA PRO A 337 26.69 -8.48 -3.99
C PRO A 337 27.52 -8.10 -5.26
N LEU A 338 27.19 -8.71 -6.39
CA LEU A 338 27.85 -8.39 -7.67
C LEU A 338 26.75 -8.24 -8.76
N GLY A 339 26.27 -7.00 -8.92
CA GLY A 339 25.22 -6.79 -9.94
C GLY A 339 24.74 -5.35 -10.04
N ASP A 340 23.72 -5.11 -10.91
CA ASP A 340 23.17 -3.78 -11.14
C ASP A 340 21.91 -4.01 -12.00
N ASP A 341 21.36 -2.91 -12.49
CA ASP A 341 20.06 -2.96 -13.23
C ASP A 341 20.21 -3.72 -14.54
N PHE A 342 19.32 -4.67 -14.74
CA PHE A 342 19.26 -5.49 -15.94
C PHE A 342 20.65 -6.02 -16.39
N ARG A 343 21.44 -6.43 -15.39
CA ARG A 343 22.75 -7.04 -15.71
C ARG A 343 22.63 -8.54 -16.09
N PHE A 344 23.78 -9.07 -16.52
CA PHE A 344 23.94 -10.45 -16.97
C PHE A 344 23.05 -10.78 -18.17
N LYS A 345 23.06 -9.88 -19.15
CA LYS A 345 22.28 -10.00 -20.37
C LYS A 345 23.14 -10.74 -21.44
N GLN A 346 24.16 -10.08 -21.95
CA GLN A 346 25.00 -10.68 -22.98
C GLN A 346 25.84 -11.89 -22.54
N ASN A 347 26.02 -12.87 -23.43
CA ASN A 347 26.90 -14.01 -23.15
C ASN A 347 28.32 -13.50 -22.82
N THR A 348 28.79 -12.53 -23.58
CA THR A 348 30.14 -11.94 -23.36
C THR A 348 30.24 -11.29 -21.96
N GLU A 349 29.10 -10.80 -21.41
CA GLU A 349 29.09 -10.19 -20.07
C GLU A 349 29.22 -11.27 -18.99
N TRP A 350 28.49 -12.37 -19.15
CA TRP A 350 28.60 -13.49 -18.22
C TRP A 350 30.08 -13.93 -18.18
N ASP A 351 30.70 -14.10 -19.36
CA ASP A 351 32.11 -14.52 -19.41
C ASP A 351 33.09 -13.51 -18.78
N VAL A 352 32.93 -12.22 -19.10
CA VAL A 352 33.89 -11.24 -18.60
C VAL A 352 33.84 -11.15 -17.04
N GLN A 353 32.63 -11.25 -16.45
CA GLN A 353 32.59 -11.19 -14.98
C GLN A 353 33.06 -12.52 -14.40
N ARG A 354 32.55 -13.65 -14.88
CA ARG A 354 32.96 -14.95 -14.30
C ARG A 354 34.45 -15.27 -14.40
N VAL A 355 35.05 -15.10 -15.59
CA VAL A 355 36.45 -15.48 -15.75
C VAL A 355 37.38 -14.57 -14.92
N ASN A 356 37.13 -13.26 -14.89
CA ASN A 356 37.99 -12.39 -14.10
C ASN A 356 37.88 -12.70 -12.59
N TYR A 357 36.66 -12.97 -12.11
CA TYR A 357 36.55 -13.29 -10.69
C TYR A 357 37.14 -14.64 -10.38
N GLU A 358 36.99 -15.62 -11.29
CA GLU A 358 37.62 -16.93 -11.04
C GLU A 358 39.18 -16.76 -10.93
N ARG A 359 39.79 -15.86 -11.73
CA ARG A 359 41.27 -15.70 -11.60
C ARG A 359 41.64 -15.06 -10.24
N LEU A 360 40.81 -14.13 -9.77
CA LEU A 360 41.05 -13.51 -8.49
C LEU A 360 40.88 -14.55 -7.39
N PHE A 361 39.82 -15.36 -7.41
CA PHE A 361 39.66 -16.37 -6.34
C PHE A 361 40.83 -17.38 -6.32
N GLU A 362 41.25 -17.88 -7.48
CA GLU A 362 42.31 -18.89 -7.47
C GLU A 362 43.58 -18.29 -6.83
N HIS A 363 43.91 -17.04 -7.16
CA HIS A 363 45.08 -16.42 -6.53
C HIS A 363 44.87 -16.18 -5.02
N ILE A 364 43.80 -15.49 -4.65
CA ILE A 364 43.55 -15.16 -3.27
C ILE A 364 43.50 -16.35 -2.38
N ASN A 365 42.79 -17.37 -2.79
CA ASN A 365 42.59 -18.54 -1.93
C ASN A 365 43.84 -19.41 -1.74
N SER A 366 44.83 -19.15 -2.60
CA SER A 366 46.09 -19.93 -2.52
C SER A 366 47.20 -19.15 -1.83
N GLN A 367 46.99 -17.88 -1.56
CA GLN A 367 47.97 -17.00 -0.90
C GLN A 367 47.61 -16.96 0.59
N ALA A 368 48.25 -17.81 1.39
CA ALA A 368 47.92 -17.86 2.83
C ALA A 368 47.97 -16.53 3.58
N HIS A 369 48.89 -15.64 3.23
CA HIS A 369 49.00 -14.35 3.91
C HIS A 369 47.70 -13.50 3.92
N PHE A 370 46.77 -13.77 2.99
CA PHE A 370 45.51 -12.99 3.00
C PHE A 370 44.52 -13.56 4.02
N ASN A 371 44.63 -14.86 4.31
CA ASN A 371 43.73 -15.56 5.22
C ASN A 371 42.27 -15.33 4.82
N VAL A 372 42.00 -15.49 3.51
CA VAL A 372 40.64 -15.33 2.92
C VAL A 372 40.27 -16.57 2.10
N GLN A 373 38.99 -17.00 2.16
CA GLN A 373 38.48 -18.08 1.28
C GLN A 373 37.26 -17.43 0.56
N ALA A 374 37.39 -17.13 -0.71
CA ALA A 374 36.34 -16.45 -1.48
C ALA A 374 35.71 -17.33 -2.55
N GLN A 375 34.41 -17.17 -2.80
CA GLN A 375 33.73 -17.99 -3.80
C GLN A 375 32.42 -17.34 -4.22
N PHE A 376 31.88 -17.78 -5.36
CA PHE A 376 30.52 -17.31 -5.74
C PHE A 376 29.58 -17.99 -4.73
N GLY A 377 28.53 -17.28 -4.35
CA GLY A 377 27.55 -17.87 -3.43
C GLY A 377 26.15 -17.28 -3.65
N THR A 378 25.18 -17.84 -2.89
CA THR A 378 23.80 -17.32 -2.95
C THR A 378 23.51 -16.61 -1.61
N LEU A 379 22.37 -15.94 -1.55
CA LEU A 379 21.98 -15.21 -0.34
C LEU A 379 21.74 -16.12 0.87
N GLN A 380 21.05 -17.25 0.63
CA GLN A 380 20.80 -18.20 1.71
C GLN A 380 22.14 -18.77 2.22
N GLU A 381 23.11 -18.96 1.33
CA GLU A 381 24.39 -19.50 1.77
C GLU A 381 25.06 -18.51 2.73
N TYR A 382 25.04 -17.21 2.42
CA TYR A 382 25.58 -16.21 3.30
C TYR A 382 24.91 -16.27 4.71
N PHE A 383 23.58 -16.19 4.76
CA PHE A 383 22.90 -16.21 6.05
C PHE A 383 23.15 -17.53 6.83
N ASP A 384 23.15 -18.67 6.13
CA ASP A 384 23.45 -19.94 6.85
C ASP A 384 24.84 -19.87 7.52
N ALA A 385 25.83 -19.31 6.83
CA ALA A 385 27.18 -19.24 7.42
C ALA A 385 27.22 -18.23 8.56
N VAL A 386 26.49 -17.12 8.43
CA VAL A 386 26.45 -16.14 9.55
C VAL A 386 25.86 -16.79 10.83
N HIS A 387 24.75 -17.51 10.69
CA HIS A 387 24.16 -18.17 11.87
C HIS A 387 25.00 -19.32 12.42
N GLN A 388 25.80 -19.96 11.55
CA GLN A 388 26.74 -21.02 12.05
C GLN A 388 27.76 -20.33 12.97
N ALA A 389 28.21 -19.14 12.59
CA ALA A 389 29.18 -18.37 13.39
C ALA A 389 28.56 -17.95 14.72
N GLU A 390 27.30 -17.49 14.66
CA GLU A 390 26.56 -17.07 15.88
C GLU A 390 26.40 -18.26 16.85
N ARG A 391 26.03 -19.43 16.32
CA ARG A 391 25.87 -20.62 17.15
C ARG A 391 27.23 -21.06 17.73
N ALA A 392 28.32 -20.78 17.04
CA ALA A 392 29.67 -21.16 17.54
C ALA A 392 30.10 -20.15 18.60
N GLY A 393 29.20 -19.20 18.91
CA GLY A 393 29.51 -18.19 19.91
C GLY A 393 30.43 -17.10 19.47
N GLN A 394 30.55 -16.86 18.17
CA GLN A 394 31.46 -15.80 17.76
C GLN A 394 30.86 -14.39 17.63
N ALA A 395 29.54 -14.27 17.79
CA ALA A 395 28.85 -12.98 17.71
C ALA A 395 27.45 -13.07 18.33
N GLU A 396 26.99 -11.94 18.84
CA GLU A 396 25.64 -11.81 19.39
C GLU A 396 25.12 -10.57 18.63
N PHE A 397 23.83 -10.55 18.35
CA PHE A 397 23.28 -9.43 17.58
C PHE A 397 22.31 -8.55 18.39
N PRO A 398 22.31 -7.26 18.08
CA PRO A 398 21.41 -6.33 18.78
C PRO A 398 19.95 -6.47 18.30
N THR A 399 19.05 -6.06 19.19
CA THR A 399 17.59 -6.04 18.90
C THR A 399 17.25 -4.59 18.45
N LEU A 400 16.24 -4.46 17.58
CA LEU A 400 15.88 -3.16 17.02
C LEU A 400 14.41 -3.09 16.73
N SER A 401 13.81 -1.89 16.97
CA SER A 401 12.42 -1.66 16.52
C SER A 401 12.38 -0.25 15.93
N GLY A 402 11.37 -0.03 15.09
CA GLY A 402 11.15 1.23 14.42
C GLY A 402 11.08 1.04 12.91
N ASP A 403 11.09 2.16 12.17
CA ASP A 403 11.07 2.09 10.70
C ASP A 403 12.26 2.88 10.13
N PHE A 404 12.34 2.91 8.81
CA PHE A 404 13.39 3.61 8.09
C PHE A 404 12.86 4.61 7.05
N PHE A 405 11.96 5.46 7.55
CA PHE A 405 11.45 6.58 6.74
C PHE A 405 11.77 7.88 7.55
N THR A 406 12.01 9.02 6.91
CA THR A 406 12.04 9.21 5.46
C THR A 406 13.48 9.15 4.95
N TYR A 407 13.67 8.35 3.90
CA TYR A 407 14.96 8.16 3.27
C TYR A 407 15.58 9.41 2.61
N ALA A 408 16.90 9.61 2.77
CA ALA A 408 17.64 10.60 1.98
C ALA A 408 18.90 9.87 1.55
N ASP A 409 19.24 9.92 0.28
CA ASP A 409 20.47 9.29 -0.22
C ASP A 409 21.69 10.24 -0.22
N ARG A 410 21.47 11.56 -0.13
CA ARG A 410 22.59 12.55 -0.06
C ARG A 410 22.02 13.91 0.33
N SER A 411 22.90 14.72 0.96
CA SER A 411 22.54 16.06 1.39
C SER A 411 21.13 16.23 1.95
N ASP A 412 20.31 17.17 1.40
CA ASP A 412 18.93 17.40 1.87
C ASP A 412 17.92 16.77 0.88
N ASN A 413 18.38 15.81 0.06
CA ASN A 413 17.51 15.16 -0.96
C ASN A 413 16.69 14.01 -0.31
N TYR A 414 15.59 14.40 0.37
CA TYR A 414 14.65 13.47 1.04
C TYR A 414 13.56 13.02 0.06
N TRP A 415 13.34 11.71 0.00
CA TRP A 415 12.40 11.12 -0.97
C TRP A 415 11.00 11.07 -0.43
N SER A 416 10.44 12.24 -0.13
CA SER A 416 9.04 12.31 0.32
C SER A 416 8.04 12.72 -0.79
N GLY A 417 8.56 13.04 -1.97
CA GLY A 417 7.64 13.41 -3.05
C GLY A 417 6.78 12.24 -3.54
N TYR A 418 7.38 11.04 -3.58
CA TYR A 418 6.64 9.85 -4.10
C TYR A 418 5.54 9.36 -3.16
N TYR A 419 5.44 9.95 -1.97
CA TYR A 419 4.31 9.61 -1.09
C TYR A 419 3.01 10.19 -1.73
N THR A 420 3.13 11.08 -2.71
CA THR A 420 1.98 11.73 -3.39
C THR A 420 1.94 11.62 -4.92
N SER A 421 3.08 11.48 -5.60
CA SER A 421 3.11 11.45 -7.04
C SER A 421 2.09 10.53 -7.69
N ARG A 422 1.45 11.05 -8.75
CA ARG A 422 0.37 10.30 -9.49
C ARG A 422 -0.71 9.80 -8.53
N PRO A 423 -1.36 10.72 -7.85
CA PRO A 423 -2.39 10.37 -6.88
C PRO A 423 -3.64 9.66 -7.42
N TYR A 424 -3.91 9.84 -8.71
CA TYR A 424 -5.06 9.12 -9.27
C TYR A 424 -4.88 7.60 -9.13
N HIS A 425 -3.66 7.12 -9.48
CA HIS A 425 -3.39 5.66 -9.42
C HIS A 425 -3.20 5.17 -8.00
N LYS A 426 -2.75 6.06 -7.10
CA LYS A 426 -2.68 5.69 -5.67
C LYS A 426 -4.12 5.40 -5.15
N ARG A 427 -5.10 6.24 -5.53
CA ARG A 427 -6.47 5.97 -5.10
C ARG A 427 -7.02 4.72 -5.83
N MET A 428 -6.70 4.55 -7.12
CA MET A 428 -7.15 3.37 -7.86
C MET A 428 -6.63 2.06 -7.17
N ASP A 429 -5.40 2.08 -6.64
CA ASP A 429 -4.87 0.91 -5.88
C ASP A 429 -5.80 0.46 -4.74
N ARG A 430 -6.33 1.42 -3.96
CA ARG A 430 -7.20 1.06 -2.85
C ARG A 430 -8.58 0.56 -3.32
N VAL A 431 -9.10 1.13 -4.39
CA VAL A 431 -10.40 0.65 -4.98
C VAL A 431 -10.20 -0.84 -5.45
N LEU A 432 -9.15 -1.08 -6.26
CA LEU A 432 -8.90 -2.45 -6.75
C LEU A 432 -8.59 -3.40 -5.57
N MET A 433 -7.85 -2.91 -4.55
CA MET A 433 -7.60 -3.75 -3.36
C MET A 433 -8.94 -4.36 -2.83
N HIS A 434 -9.94 -3.49 -2.65
CA HIS A 434 -11.24 -3.93 -2.15
C HIS A 434 -12.01 -4.79 -3.13
N TYR A 435 -11.99 -4.44 -4.41
CA TYR A 435 -12.72 -5.27 -5.40
C TYR A 435 -12.10 -6.70 -5.48
C TYR A 435 -11.90 -6.56 -5.73
N VAL A 436 -10.77 -6.82 -5.37
CA VAL A 436 -10.19 -8.19 -5.39
C VAL A 436 -10.68 -8.94 -4.13
N ARG A 437 -10.62 -8.32 -2.95
CA ARG A 437 -11.13 -9.03 -1.76
C ARG A 437 -12.61 -9.45 -1.93
N ALA A 438 -13.46 -8.53 -2.39
CA ALA A 438 -14.88 -8.86 -2.53
C ALA A 438 -15.16 -9.95 -3.61
N ALA A 439 -14.43 -9.91 -4.75
CA ALA A 439 -14.60 -10.92 -5.81
C ALA A 439 -14.13 -12.30 -5.28
N GLU A 440 -12.97 -12.35 -4.59
CA GLU A 440 -12.53 -13.66 -4.07
C GLU A 440 -13.47 -14.18 -2.97
N MET A 441 -13.98 -13.31 -2.11
CA MET A 441 -14.89 -13.76 -1.08
C MET A 441 -16.28 -14.20 -1.59
N LEU A 442 -16.89 -13.38 -2.44
CA LEU A 442 -18.20 -13.76 -2.99
C LEU A 442 -18.20 -15.05 -3.79
N SER A 443 -17.13 -15.31 -4.55
CA SER A 443 -17.09 -16.56 -5.34
C SER A 443 -16.55 -17.74 -4.56
N ALA A 444 -15.97 -17.52 -3.37
CA ALA A 444 -15.45 -18.65 -2.56
C ALA A 444 -16.56 -19.56 -2.02
N TRP A 445 -17.77 -19.05 -1.84
CA TRP A 445 -18.85 -19.84 -1.24
C TRP A 445 -19.25 -21.06 -2.03
N HIS A 446 -19.01 -21.03 -3.34
CA HIS A 446 -19.34 -22.18 -4.19
C HIS A 446 -18.10 -22.65 -4.95
N SER A 447 -18.23 -23.86 -5.47
CA SER A 447 -17.26 -24.47 -6.36
C SER A 447 -17.86 -24.13 -7.75
N TRP A 448 -17.04 -23.75 -8.72
CA TRP A 448 -17.51 -23.31 -10.03
C TRP A 448 -17.03 -24.16 -11.18
N ASP A 449 -17.92 -24.41 -12.16
CA ASP A 449 -17.51 -25.14 -13.36
C ASP A 449 -16.43 -24.34 -14.10
N GLY A 450 -15.50 -25.04 -14.74
CA GLY A 450 -14.44 -24.35 -15.47
C GLY A 450 -14.97 -23.41 -16.54
N MET A 451 -16.15 -23.74 -17.07
CA MET A 451 -16.74 -22.90 -18.11
C MET A 451 -17.11 -21.49 -17.63
N ALA A 452 -17.24 -21.31 -16.32
CA ALA A 452 -17.59 -20.01 -15.72
C ALA A 452 -16.38 -19.06 -15.70
N ARG A 453 -15.18 -19.59 -15.99
CA ARG A 453 -13.95 -18.78 -16.04
C ARG A 453 -13.70 -17.95 -14.77
N ILE A 454 -14.14 -18.44 -13.62
CA ILE A 454 -13.95 -17.71 -12.36
C ILE A 454 -12.44 -17.63 -11.97
N GLU A 455 -11.77 -18.78 -11.94
CA GLU A 455 -10.32 -18.84 -11.57
C GLU A 455 -9.49 -17.99 -12.51
N GLU A 456 -9.78 -18.04 -13.80
CA GLU A 456 -9.09 -17.28 -14.81
C GLU A 456 -9.19 -15.75 -14.54
N ARG A 457 -10.43 -15.27 -14.27
CA ARG A 457 -10.58 -13.82 -14.06
C ARG A 457 -9.95 -13.35 -12.74
N LEU A 458 -10.03 -14.19 -11.70
CA LEU A 458 -9.41 -13.84 -10.40
C LEU A 458 -7.89 -13.85 -10.50
N GLU A 459 -7.29 -14.80 -11.25
CA GLU A 459 -5.84 -14.81 -11.39
C GLU A 459 -5.39 -13.53 -12.12
N GLN A 460 -6.10 -13.13 -13.19
CA GLN A 460 -5.74 -11.87 -13.90
C GLN A 460 -5.81 -10.66 -12.92
N ALA A 461 -6.92 -10.56 -12.16
CA ALA A 461 -7.07 -9.44 -11.22
C ALA A 461 -5.96 -9.40 -10.15
N ARG A 462 -5.66 -10.56 -9.58
CA ARG A 462 -4.59 -10.61 -8.55
C ARG A 462 -3.24 -10.24 -9.14
N ARG A 463 -2.98 -10.65 -10.41
CA ARG A 463 -1.66 -10.35 -10.99
C ARG A 463 -1.50 -8.91 -11.39
N GLU A 464 -2.58 -8.23 -11.85
CA GLU A 464 -2.39 -6.84 -12.27
C GLU A 464 -2.26 -5.98 -11.02
N LEU A 465 -3.02 -6.26 -9.95
CA LEU A 465 -2.87 -5.45 -8.71
C LEU A 465 -1.48 -5.73 -8.10
N SER A 466 -1.01 -7.00 -8.15
CA SER A 466 0.30 -7.37 -7.60
C SER A 466 1.44 -6.66 -8.35
N LEU A 467 1.35 -6.59 -9.70
CA LEU A 467 2.33 -5.90 -10.47
C LEU A 467 2.45 -4.42 -10.07
N PHE A 468 1.29 -3.81 -9.75
CA PHE A 468 1.29 -2.34 -9.42
C PHE A 468 1.94 -2.05 -8.05
N GLN A 469 2.14 -3.07 -7.20
CA GLN A 469 2.89 -2.85 -5.95
C GLN A 469 4.37 -2.59 -6.16
N HIS A 470 4.87 -2.82 -7.37
CA HIS A 470 6.27 -2.52 -7.70
C HIS A 470 6.68 -1.07 -7.19
N HIS A 471 7.96 -0.90 -6.86
CA HIS A 471 8.50 0.36 -6.36
C HIS A 471 8.62 1.49 -7.39
N ASP A 472 8.16 1.25 -8.65
CA ASP A 472 7.98 2.39 -9.58
C ASP A 472 6.51 2.40 -10.07
N GLY A 473 5.63 1.61 -9.45
CA GLY A 473 4.21 1.56 -9.79
C GLY A 473 3.38 2.48 -8.91
N ILE A 474 2.94 1.96 -7.77
CA ILE A 474 2.13 2.75 -6.86
C ILE A 474 2.86 4.05 -6.39
N THR A 475 4.20 4.03 -6.43
CA THR A 475 5.01 5.21 -6.04
C THR A 475 4.80 6.39 -7.02
N GLY A 476 4.25 6.17 -8.22
CA GLY A 476 4.08 7.26 -9.16
C GLY A 476 5.40 7.75 -9.76
N THR A 477 6.37 6.83 -9.92
CA THR A 477 7.69 7.22 -10.41
C THR A 477 8.06 6.63 -11.76
N ALA A 478 7.09 6.20 -12.57
CA ALA A 478 7.42 5.65 -13.90
C ALA A 478 7.15 6.68 -15.01
N LYS A 479 7.66 6.38 -16.22
CA LYS A 479 7.40 7.31 -17.33
C LYS A 479 5.87 7.30 -17.67
N THR A 480 5.44 8.39 -18.32
CA THR A 480 4.02 8.58 -18.68
C THR A 480 3.38 7.38 -19.38
N HIS A 481 4.00 6.82 -20.41
CA HIS A 481 3.36 5.67 -21.08
C HIS A 481 3.32 4.41 -20.23
N VAL A 482 4.22 4.33 -19.23
CA VAL A 482 4.25 3.18 -18.33
C VAL A 482 3.11 3.32 -17.31
N VAL A 483 2.89 4.54 -16.80
CA VAL A 483 1.75 4.78 -15.93
C VAL A 483 0.45 4.39 -16.67
N VAL A 484 0.38 4.74 -17.98
CA VAL A 484 -0.82 4.36 -18.78
C VAL A 484 -1.00 2.84 -18.85
N ASP A 485 0.10 2.11 -19.02
CA ASP A 485 0.02 0.64 -19.02
C ASP A 485 -0.49 0.10 -17.69
N TYR A 486 0.04 0.59 -16.57
CA TYR A 486 -0.47 0.12 -15.28
C TYR A 486 -1.96 0.46 -15.11
N GLU A 487 -2.41 1.65 -15.56
CA GLU A 487 -3.83 2.02 -15.45
C GLU A 487 -4.72 1.05 -16.29
N GLN A 488 -4.27 0.77 -17.52
CA GLN A 488 -5.06 -0.11 -18.41
C GLN A 488 -5.20 -1.51 -17.80
N ARG A 489 -4.09 -2.04 -17.24
CA ARG A 489 -4.08 -3.33 -16.60
C ARG A 489 -5.04 -3.33 -15.39
N MET A 490 -5.00 -2.27 -14.58
CA MET A 490 -5.91 -2.21 -13.42
C MET A 490 -7.38 -2.06 -13.86
N GLN A 491 -7.64 -1.35 -14.96
CA GLN A 491 -9.03 -1.24 -15.49
C GLN A 491 -9.56 -2.63 -15.87
N GLU A 492 -8.72 -3.42 -16.52
CA GLU A 492 -9.13 -4.77 -16.89
C GLU A 492 -9.36 -5.63 -15.65
N ALA A 493 -8.50 -5.44 -14.62
CA ALA A 493 -8.71 -6.17 -13.38
C ALA A 493 -10.03 -5.78 -12.72
N LEU A 494 -10.39 -4.48 -12.70
CA LEU A 494 -11.68 -4.09 -12.13
C LEU A 494 -12.84 -4.78 -12.88
N LYS A 495 -12.78 -4.81 -14.19
CA LYS A 495 -13.85 -5.46 -15.02
C LYS A 495 -13.93 -6.97 -14.69
N ALA A 496 -12.77 -7.63 -14.48
CA ALA A 496 -12.78 -9.04 -14.08
C ALA A 496 -13.47 -9.27 -12.72
N CYS A 497 -13.18 -8.40 -11.78
CA CYS A 497 -13.76 -8.46 -10.44
C CYS A 497 -15.27 -8.27 -10.53
N GLN A 498 -15.68 -7.27 -11.29
CA GLN A 498 -17.15 -7.02 -11.44
C GLN A 498 -17.84 -8.26 -11.99
N MET A 499 -17.24 -8.90 -13.00
CA MET A 499 -17.88 -10.08 -13.58
C MET A 499 -18.05 -11.20 -12.56
N VAL A 500 -16.99 -11.52 -11.80
CA VAL A 500 -17.04 -12.56 -10.82
C VAL A 500 -18.05 -12.20 -9.71
N MET A 501 -18.00 -10.96 -9.23
CA MET A 501 -18.93 -10.52 -8.17
C MET A 501 -20.38 -10.68 -8.61
N GLN A 502 -20.70 -10.20 -9.79
CA GLN A 502 -22.15 -10.23 -10.20
C GLN A 502 -22.64 -11.65 -10.51
N GLN A 503 -21.79 -12.49 -11.10
CA GLN A 503 -22.20 -13.91 -11.27
C GLN A 503 -22.42 -14.55 -9.88
N SER A 504 -21.59 -14.23 -8.88
CA SER A 504 -21.72 -14.79 -7.53
C SER A 504 -23.02 -14.36 -6.84
N VAL A 505 -23.32 -13.06 -6.90
CA VAL A 505 -24.58 -12.54 -6.30
C VAL A 505 -25.82 -13.26 -6.94
N TYR A 506 -25.83 -13.42 -8.26
CA TYR A 506 -26.97 -14.08 -8.93
C TYR A 506 -27.11 -15.52 -8.40
N ARG A 507 -25.99 -16.23 -8.23
CA ARG A 507 -26.08 -17.62 -7.71
C ARG A 507 -26.46 -17.66 -6.21
N LEU A 508 -25.96 -16.71 -5.41
CA LEU A 508 -26.26 -16.72 -4.00
C LEU A 508 -27.68 -16.33 -3.59
N LEU A 509 -28.35 -15.55 -4.45
CA LEU A 509 -29.68 -15.04 -4.16
C LEU A 509 -30.80 -15.52 -5.10
N THR A 510 -30.60 -16.65 -5.81
CA THR A 510 -31.66 -17.15 -6.69
C THR A 510 -32.03 -18.58 -6.23
N LYS A 511 -33.33 -18.88 -6.17
CA LYS A 511 -33.76 -20.23 -5.77
C LYS A 511 -32.98 -21.24 -6.60
N PRO A 512 -32.33 -22.24 -5.96
CA PRO A 512 -31.54 -23.21 -6.71
C PRO A 512 -32.14 -23.91 -7.93
N SER A 513 -33.41 -24.30 -7.83
CA SER A 513 -34.04 -25.02 -8.95
C SER A 513 -34.47 -24.12 -10.08
N ILE A 514 -34.28 -22.80 -9.91
CA ILE A 514 -34.59 -21.81 -10.96
C ILE A 514 -33.29 -21.26 -11.59
N TYR A 515 -32.23 -21.19 -10.77
CA TYR A 515 -30.91 -20.64 -11.20
C TYR A 515 -30.48 -21.19 -12.57
N SER A 516 -30.29 -20.33 -13.59
CA SER A 516 -29.94 -20.81 -14.94
C SER A 516 -28.91 -19.85 -15.54
N PRO A 517 -27.64 -20.02 -15.15
CA PRO A 517 -26.66 -19.09 -15.67
C PRO A 517 -26.10 -19.18 -17.06
N ASP A 518 -25.87 -18.01 -17.64
CA ASP A 518 -25.12 -17.85 -18.88
C ASP A 518 -23.89 -17.09 -18.28
N PHE A 519 -22.76 -17.79 -18.24
CA PHE A 519 -21.55 -17.23 -17.62
C PHE A 519 -20.91 -16.04 -18.29
N SER A 520 -21.44 -15.60 -19.45
CA SER A 520 -20.93 -14.42 -20.14
C SER A 520 -21.90 -13.24 -19.97
N PHE A 521 -23.06 -13.51 -19.34
CA PHE A 521 -24.11 -12.49 -19.18
C PHE A 521 -23.96 -11.58 -17.97
N SER A 522 -24.42 -10.33 -18.10
CA SER A 522 -24.40 -9.40 -16.99
C SER A 522 -25.77 -9.34 -16.30
N TYR A 523 -25.91 -10.06 -15.20
CA TYR A 523 -27.13 -10.05 -14.41
C TYR A 523 -27.23 -8.80 -13.55
N PHE A 524 -26.10 -8.26 -13.08
CA PHE A 524 -26.07 -7.05 -12.28
C PHE A 524 -24.94 -6.14 -12.76
N THR A 525 -25.11 -4.83 -12.66
CA THR A 525 -23.98 -3.93 -12.90
C THR A 525 -23.65 -3.32 -11.54
N LEU A 526 -22.37 -3.11 -11.25
CA LEU A 526 -21.93 -2.50 -10.03
C LEU A 526 -22.20 -0.99 -10.09
N ASP A 527 -22.51 -0.38 -8.95
CA ASP A 527 -22.69 1.05 -8.87
C ASP A 527 -21.68 1.53 -7.81
N ASP A 528 -20.77 2.43 -8.16
CA ASP A 528 -19.77 2.91 -7.20
C ASP A 528 -19.82 4.45 -7.21
N SER A 529 -20.19 5.02 -6.06
CA SER A 529 -20.29 6.47 -5.90
C SER A 529 -19.00 7.22 -5.81
N ARG A 530 -17.90 6.53 -5.52
CA ARG A 530 -16.65 7.23 -5.29
C ARG A 530 -15.49 6.84 -6.21
N TRP A 531 -15.75 6.02 -7.21
CA TRP A 531 -14.66 5.71 -8.17
C TRP A 531 -15.30 5.47 -9.57
N PRO A 532 -14.83 6.18 -10.60
CA PRO A 532 -13.77 7.22 -10.59
C PRO A 532 -14.23 8.46 -9.82
N GLY A 533 -15.54 8.58 -9.62
CA GLY A 533 -16.10 9.71 -8.87
C GLY A 533 -16.75 10.79 -9.71
N SER A 534 -17.66 11.52 -9.04
CA SER A 534 -18.43 12.61 -9.67
C SER A 534 -17.41 13.62 -10.08
N GLY A 535 -17.48 14.07 -11.33
CA GLY A 535 -16.52 15.06 -11.81
C GLY A 535 -15.26 14.46 -12.42
N VAL A 536 -15.13 13.15 -12.29
CA VAL A 536 -13.96 12.47 -12.86
C VAL A 536 -14.39 11.72 -14.12
N GLU A 537 -15.46 10.94 -14.01
CA GLU A 537 -15.96 10.19 -15.16
C GLU A 537 -17.47 10.02 -14.97
N ASP A 538 -18.26 10.16 -16.05
CA ASP A 538 -19.70 9.92 -15.90
C ASP A 538 -19.78 8.42 -16.23
N SER A 539 -19.79 7.59 -15.20
CA SER A 539 -19.74 6.13 -15.40
C SER A 539 -20.92 5.36 -14.85
N ARG A 540 -21.66 6.01 -13.95
CA ARG A 540 -22.78 5.41 -13.25
C ARG A 540 -24.06 5.33 -14.07
N THR A 541 -24.75 4.22 -13.94
CA THR A 541 -25.98 4.06 -14.65
C THR A 541 -27.17 4.59 -13.82
N THR A 542 -28.12 5.20 -14.52
CA THR A 542 -29.33 5.67 -13.88
C THR A 542 -30.36 4.52 -13.92
N ILE A 543 -31.05 4.31 -12.80
CA ILE A 543 -32.10 3.28 -12.74
C ILE A 543 -33.34 4.02 -13.40
N ILE A 544 -33.76 3.48 -14.56
CA ILE A 544 -34.86 4.04 -15.35
C ILE A 544 -36.21 3.40 -15.04
N LEU A 545 -37.08 4.21 -14.41
CA LEU A 545 -38.41 3.75 -14.02
C LEU A 545 -39.44 4.65 -14.68
N GLY A 546 -40.64 4.14 -14.86
CA GLY A 546 -41.69 4.94 -15.50
C GLY A 546 -42.95 4.12 -15.61
N GLU A 547 -44.11 4.79 -15.53
CA GLU A 547 -45.37 4.08 -15.63
C GLU A 547 -45.56 3.35 -16.95
N ASP A 548 -44.88 3.83 -17.98
CA ASP A 548 -45.00 3.24 -19.30
C ASP A 548 -43.77 2.44 -19.69
N ILE A 549 -42.98 1.99 -18.71
CA ILE A 549 -41.78 1.19 -19.07
C ILE A 549 -41.37 0.16 -17.98
N LEU A 550 -41.32 0.55 -16.71
CA LEU A 550 -40.86 -0.37 -15.66
C LEU A 550 -41.21 0.27 -14.31
N PRO A 551 -42.04 -0.38 -13.49
CA PRO A 551 -42.37 0.26 -12.21
C PRO A 551 -41.35 0.14 -11.07
N SER A 552 -40.49 -0.88 -11.11
CA SER A 552 -39.59 -1.07 -9.97
C SER A 552 -38.28 -1.78 -10.38
N LYS A 553 -37.33 -1.78 -9.45
CA LYS A 553 -35.99 -2.33 -9.67
C LYS A 553 -35.40 -2.90 -8.37
N HIS A 554 -34.87 -4.12 -8.46
CA HIS A 554 -34.16 -4.72 -7.33
C HIS A 554 -32.69 -4.27 -7.34
N VAL A 555 -32.19 -3.98 -6.14
CA VAL A 555 -30.78 -3.65 -5.86
C VAL A 555 -30.30 -4.55 -4.72
N VAL A 556 -28.99 -4.87 -4.74
CA VAL A 556 -28.42 -5.77 -3.68
C VAL A 556 -27.12 -5.15 -3.14
N MET A 557 -26.97 -5.17 -1.81
CA MET A 557 -25.73 -4.72 -1.14
C MET A 557 -24.96 -5.89 -0.60
N HIS A 558 -23.62 -5.85 -0.77
CA HIS A 558 -22.72 -6.87 -0.14
C HIS A 558 -21.85 -6.21 0.94
N ASN A 559 -21.67 -6.95 2.05
CA ASN A 559 -20.86 -6.48 3.15
C ASN A 559 -19.68 -7.47 3.36
N THR A 560 -18.47 -7.09 2.91
CA THR A 560 -17.30 -8.04 3.06
C THR A 560 -16.81 -8.19 4.52
N LEU A 561 -17.19 -7.28 5.42
CA LEU A 561 -16.71 -7.38 6.81
C LEU A 561 -17.51 -8.41 7.61
N PRO A 562 -16.86 -9.08 8.58
CA PRO A 562 -17.53 -10.11 9.40
C PRO A 562 -18.39 -9.65 10.57
N HIS A 563 -19.12 -8.53 10.41
CA HIS A 563 -20.07 -8.12 11.47
C HIS A 563 -21.24 -7.45 10.73
N TRP A 564 -22.41 -7.49 11.34
CA TRP A 564 -23.58 -6.79 10.76
C TRP A 564 -23.20 -5.31 10.59
N ARG A 565 -23.64 -4.74 9.49
CA ARG A 565 -23.29 -3.33 9.24
C ARG A 565 -24.42 -2.56 8.60
N GLU A 566 -24.64 -1.33 9.11
CA GLU A 566 -25.57 -0.41 8.44
C GLU A 566 -24.74 0.69 7.81
N GLN A 567 -25.15 1.19 6.64
CA GLN A 567 -24.42 2.28 5.95
C GLN A 567 -25.40 2.93 4.97
N LEU A 568 -25.38 4.26 4.85
CA LEU A 568 -26.23 4.88 3.82
C LEU A 568 -25.67 4.51 2.43
N VAL A 569 -26.57 4.21 1.53
CA VAL A 569 -26.20 3.94 0.13
C VAL A 569 -27.02 4.85 -0.80
N ASP A 570 -26.48 5.17 -1.97
CA ASP A 570 -27.25 6.03 -2.91
C ASP A 570 -27.22 5.46 -4.32
N PHE A 571 -28.28 5.75 -5.09
CA PHE A 571 -28.38 5.33 -6.48
C PHE A 571 -28.96 6.52 -7.28
N TYR A 572 -28.61 6.58 -8.57
CA TYR A 572 -29.23 7.58 -9.47
C TYR A 572 -30.53 6.93 -9.99
N VAL A 573 -31.62 7.72 -10.00
CA VAL A 573 -32.95 7.28 -10.49
C VAL A 573 -33.52 8.37 -11.41
N SER A 574 -34.38 7.98 -12.34
CA SER A 574 -34.93 8.91 -13.35
C SER A 574 -36.18 9.70 -12.89
N SER A 575 -36.57 9.56 -11.62
CA SER A 575 -37.69 10.31 -11.05
C SER A 575 -37.43 10.57 -9.59
N PRO A 576 -37.91 11.70 -9.04
CA PRO A 576 -37.70 11.94 -7.61
C PRO A 576 -38.77 11.22 -6.78
N PHE A 577 -39.82 10.66 -7.43
CA PHE A 577 -40.91 10.05 -6.68
C PHE A 577 -40.69 8.54 -6.60
N VAL A 578 -39.75 8.15 -5.73
CA VAL A 578 -39.36 6.75 -5.60
C VAL A 578 -39.37 6.35 -4.11
N SER A 579 -39.82 5.14 -3.79
CA SER A 579 -39.78 4.73 -2.40
C SER A 579 -39.05 3.38 -2.34
N VAL A 580 -38.56 3.08 -1.16
CA VAL A 580 -37.79 1.87 -0.94
C VAL A 580 -38.48 0.87 -0.01
N THR A 581 -38.34 -0.41 -0.33
CA THR A 581 -38.85 -1.50 0.52
C THR A 581 -37.78 -2.60 0.67
N ASP A 582 -37.82 -3.34 1.76
CA ASP A 582 -36.89 -4.48 1.92
C ASP A 582 -37.53 -5.74 1.32
N LEU A 583 -36.93 -6.93 1.38
CA LEU A 583 -37.67 -7.98 0.69
C LEU A 583 -38.78 -8.65 1.46
N ALA A 584 -39.26 -8.01 2.55
CA ALA A 584 -40.46 -8.51 3.23
C ALA A 584 -41.49 -7.40 2.96
N ASN A 585 -41.15 -6.49 2.06
CA ASN A 585 -42.04 -5.39 1.70
C ASN A 585 -42.24 -4.34 2.78
N ASN A 586 -41.33 -4.28 3.74
CA ASN A 586 -41.38 -3.29 4.82
C ASN A 586 -40.79 -1.97 4.25
N PRO A 587 -41.49 -0.84 4.45
CA PRO A 587 -40.96 0.43 3.94
C PRO A 587 -39.65 0.79 4.62
N VAL A 588 -38.77 1.48 3.87
CA VAL A 588 -37.50 1.89 4.41
C VAL A 588 -37.40 3.41 4.22
N GLU A 589 -37.02 4.16 5.25
CA GLU A 589 -36.94 5.62 5.12
C GLU A 589 -35.89 6.04 4.07
N ALA A 590 -36.21 7.01 3.22
CA ALA A 590 -35.29 7.43 2.17
C ALA A 590 -35.28 8.94 2.00
N GLN A 591 -34.22 9.42 1.41
CA GLN A 591 -34.05 10.86 1.13
C GLN A 591 -33.68 11.01 -0.34
N VAL A 592 -34.29 11.99 -1.03
CA VAL A 592 -33.93 12.28 -2.41
C VAL A 592 -33.26 13.66 -2.48
N SER A 593 -32.15 13.75 -3.25
CA SER A 593 -31.39 15.01 -3.41
C SER A 593 -31.14 15.17 -4.87
N PRO A 594 -30.79 16.36 -5.33
CA PRO A 594 -30.50 16.54 -6.75
C PRO A 594 -29.12 15.91 -7.14
N VAL A 595 -28.86 15.80 -8.45
CA VAL A 595 -27.54 15.37 -8.91
C VAL A 595 -26.86 16.70 -9.31
N TRP A 596 -25.80 17.08 -8.58
CA TRP A 596 -25.06 18.32 -8.81
C TRP A 596 -23.69 18.06 -9.46
N SER A 597 -23.38 18.82 -10.49
CA SER A 597 -22.06 18.71 -11.11
C SER A 597 -21.42 20.11 -11.15
N TRP A 598 -20.11 20.16 -10.95
CA TRP A 598 -19.41 21.43 -10.92
C TRP A 598 -18.71 21.69 -12.25
N HIS A 599 -18.73 22.96 -12.66
CA HIS A 599 -18.15 23.33 -13.94
C HIS A 599 -17.29 24.56 -13.87
N HIS A 600 -16.19 24.55 -14.61
CA HIS A 600 -15.34 25.73 -14.66
C HIS A 600 -15.87 26.47 -15.87
N ASP A 601 -16.65 27.51 -15.59
CA ASP A 601 -17.30 28.28 -16.62
C ASP A 601 -16.23 29.20 -17.24
N THR A 602 -15.78 28.89 -18.46
CA THR A 602 -14.76 29.73 -19.07
C THR A 602 -15.30 31.06 -19.56
N LEU A 603 -16.62 31.25 -19.50
CA LEU A 603 -17.20 32.52 -19.92
C LEU A 603 -17.31 33.50 -18.75
N THR A 604 -17.92 33.08 -17.63
CA THR A 604 -18.03 33.96 -16.48
C THR A 604 -16.79 33.89 -15.58
N LYS A 605 -15.89 32.95 -15.86
CA LYS A 605 -14.65 32.77 -15.07
C LYS A 605 -14.98 32.45 -13.60
N THR A 606 -16.01 31.62 -13.39
CA THR A 606 -16.38 31.15 -12.02
C THR A 606 -16.48 29.62 -12.01
N ILE A 607 -16.43 29.02 -10.83
CA ILE A 607 -16.57 27.56 -10.69
C ILE A 607 -17.90 27.39 -9.94
N HIS A 608 -18.91 26.79 -10.59
CA HIS A 608 -20.23 26.73 -9.99
C HIS A 608 -20.97 25.44 -10.33
N PRO A 609 -21.99 25.10 -9.54
CA PRO A 609 -22.75 23.85 -9.77
C PRO A 609 -24.00 23.92 -10.64
N GLN A 610 -24.17 22.90 -11.46
CA GLN A 610 -25.35 22.82 -12.31
C GLN A 610 -26.12 21.59 -11.84
N GLY A 611 -27.45 21.71 -11.78
CA GLY A 611 -28.28 20.58 -11.37
C GLY A 611 -28.95 19.84 -12.54
N SER A 612 -29.08 18.52 -12.43
CA SER A 612 -29.77 17.74 -13.47
C SER A 612 -31.27 17.96 -13.38
N THR A 613 -31.97 18.00 -14.53
CA THR A 613 -33.43 18.12 -14.48
C THR A 613 -34.09 16.76 -14.83
N THR A 614 -33.28 15.69 -14.92
CA THR A 614 -33.81 14.35 -15.22
C THR A 614 -33.27 13.15 -14.39
N LYS A 615 -32.20 13.32 -13.62
CA LYS A 615 -31.62 12.25 -12.79
C LYS A 615 -31.65 12.85 -11.39
N TYR A 616 -31.84 11.99 -10.39
CA TYR A 616 -31.89 12.40 -8.98
C TYR A 616 -31.19 11.33 -8.18
N ARG A 617 -30.77 11.66 -6.97
CA ARG A 617 -30.12 10.69 -6.08
C ARG A 617 -31.08 10.19 -5.02
N ILE A 618 -31.24 8.87 -4.83
CA ILE A 618 -32.06 8.39 -3.71
C ILE A 618 -31.08 7.78 -2.72
N ILE A 619 -31.28 8.02 -1.45
CA ILE A 619 -30.37 7.60 -0.38
C ILE A 619 -31.15 6.88 0.73
N PHE A 620 -30.66 5.76 1.26
CA PHE A 620 -31.36 5.07 2.33
C PHE A 620 -30.35 4.21 3.09
N LYS A 621 -30.69 3.82 4.31
CA LYS A 621 -29.82 3.02 5.13
C LYS A 621 -29.97 1.54 4.81
N ALA A 622 -28.88 0.90 4.34
CA ALA A 622 -28.94 -0.56 4.10
C ALA A 622 -28.36 -1.30 5.32
N ARG A 623 -28.96 -2.44 5.67
CA ARG A 623 -28.50 -3.25 6.82
C ARG A 623 -28.18 -4.61 6.25
N VAL A 624 -26.90 -5.00 6.35
CA VAL A 624 -26.39 -6.21 5.70
C VAL A 624 -25.70 -7.17 6.68
N PRO A 625 -25.96 -8.50 6.51
CA PRO A 625 -25.35 -9.48 7.44
C PRO A 625 -23.80 -9.57 7.30
N PRO A 626 -23.16 -10.18 8.30
CA PRO A 626 -21.68 -10.35 8.27
C PRO A 626 -21.36 -11.16 6.97
N MET A 627 -20.36 -10.68 6.17
CA MET A 627 -19.93 -11.36 4.92
C MET A 627 -21.14 -11.83 4.11
N GLY A 628 -22.14 -10.93 4.02
CA GLY A 628 -23.42 -11.30 3.39
C GLY A 628 -24.03 -10.34 2.38
N LEU A 629 -25.31 -10.59 2.06
CA LEU A 629 -26.02 -9.82 1.01
C LEU A 629 -27.42 -9.44 1.49
N ALA A 630 -27.89 -8.27 1.06
CA ALA A 630 -29.26 -7.84 1.43
C ALA A 630 -29.91 -7.20 0.17
N THR A 631 -31.15 -7.61 -0.13
CA THR A 631 -31.91 -7.11 -1.30
C THR A 631 -32.98 -6.07 -0.95
N TYR A 632 -33.04 -5.01 -1.77
CA TYR A 632 -34.05 -3.95 -1.61
C TYR A 632 -34.72 -3.70 -2.95
N VAL A 633 -35.87 -3.01 -2.89
CA VAL A 633 -36.62 -2.70 -4.11
C VAL A 633 -36.93 -1.17 -4.18
N LEU A 634 -36.73 -0.58 -5.34
CA LEU A 634 -37.01 0.88 -5.59
C LEU A 634 -38.23 0.89 -6.50
N THR A 635 -39.30 1.61 -6.05
CA THR A 635 -40.58 1.65 -6.82
C THR A 635 -41.01 3.11 -7.10
N ILE A 636 -41.44 3.33 -8.32
CA ILE A 636 -41.89 4.70 -8.68
C ILE A 636 -43.38 4.92 -8.31
N SER A 637 -43.74 6.17 -8.04
CA SER A 637 -45.14 6.51 -7.77
C SER A 637 -45.42 7.83 -8.51
N ASP A 638 -46.68 8.25 -8.64
CA ASP A 638 -46.92 9.47 -9.39
C ASP A 638 -46.71 10.77 -8.60
N SER A 639 -46.53 10.65 -7.28
CA SER A 639 -46.33 11.82 -6.43
C SER A 639 -45.49 11.43 -5.21
N LYS A 640 -45.15 12.43 -4.40
CA LYS A 640 -44.33 12.17 -3.21
C LYS A 640 -44.80 11.01 -2.35
N PRO A 641 -43.92 10.02 -2.17
CA PRO A 641 -44.25 8.85 -1.35
C PRO A 641 -44.16 9.13 0.15
N GLU A 642 -44.91 8.38 0.93
CA GLU A 642 -44.96 8.59 2.38
C GLU A 642 -43.63 8.50 3.13
N HIS A 643 -42.76 7.60 2.68
CA HIS A 643 -41.49 7.34 3.38
C HIS A 643 -40.22 7.93 2.76
N THR A 644 -40.38 8.88 1.86
CA THR A 644 -39.26 9.57 1.19
C THR A 644 -39.39 11.08 1.45
N SER A 645 -38.29 11.69 1.89
CA SER A 645 -38.20 13.13 2.15
C SER A 645 -37.30 13.73 1.05
N TYR A 646 -37.31 15.05 0.91
CA TYR A 646 -36.53 15.78 -0.08
C TYR A 646 -35.63 16.84 0.55
N ALA A 647 -34.34 16.89 0.18
CA ALA A 647 -33.44 17.88 0.74
C ALA A 647 -33.70 19.31 0.26
N SER A 648 -33.39 20.26 1.12
CA SER A 648 -33.46 21.65 0.67
C SER A 648 -32.05 21.95 0.08
N ASN A 649 -31.92 22.99 -0.73
CA ASN A 649 -30.66 23.39 -1.36
C ASN A 649 -30.54 24.89 -1.33
N LEU A 650 -29.38 25.37 -0.92
CA LEU A 650 -29.09 26.81 -0.81
C LEU A 650 -27.79 27.12 -1.52
N LEU A 651 -27.83 27.98 -2.54
CA LEU A 651 -26.63 28.38 -3.29
C LEU A 651 -26.19 29.78 -2.82
N LEU A 652 -25.00 29.90 -2.22
CA LEU A 652 -24.51 31.16 -1.69
C LEU A 652 -23.45 31.75 -2.62
N ARG A 653 -23.78 32.92 -3.18
CA ARG A 653 -22.88 33.59 -4.08
C ARG A 653 -23.50 34.94 -4.41
N LYS A 654 -22.67 35.91 -4.80
CA LYS A 654 -23.23 37.20 -5.21
C LYS A 654 -23.56 36.96 -6.72
N ASN A 655 -24.51 37.71 -7.26
CA ASN A 655 -24.86 37.58 -8.69
C ASN A 655 -25.41 36.18 -9.07
N PRO A 656 -26.43 35.68 -8.36
CA PRO A 656 -26.95 34.34 -8.71
C PRO A 656 -27.89 34.35 -9.89
N THR A 657 -28.06 33.17 -10.46
CA THR A 657 -28.99 32.98 -11.58
C THR A 657 -29.76 31.71 -11.18
N SER A 658 -30.95 31.55 -11.77
CA SER A 658 -31.85 30.45 -11.46
C SER A 658 -31.24 29.04 -11.66
N LEU A 659 -31.75 28.06 -10.88
CA LEU A 659 -31.24 26.65 -10.96
C LEU A 659 -32.44 25.71 -10.92
N PRO A 660 -33.08 25.47 -12.09
CA PRO A 660 -34.25 24.59 -12.23
C PRO A 660 -33.86 23.12 -12.00
N LEU A 661 -34.75 22.35 -11.41
CA LEU A 661 -34.41 20.93 -11.14
C LEU A 661 -35.48 19.94 -11.67
N GLY A 662 -36.15 20.28 -12.77
CA GLY A 662 -37.19 19.42 -13.33
C GLY A 662 -38.30 19.09 -12.33
N GLN A 663 -38.53 17.79 -12.09
CA GLN A 663 -39.59 17.37 -11.17
C GLN A 663 -39.29 17.50 -9.68
N TYR A 664 -38.05 17.81 -9.32
CA TYR A 664 -37.69 17.89 -7.91
C TYR A 664 -38.69 18.83 -7.19
N PRO A 665 -39.31 18.36 -6.10
CA PRO A 665 -40.32 19.16 -5.37
C PRO A 665 -39.98 20.39 -4.52
N GLU A 666 -38.70 20.70 -4.33
CA GLU A 666 -38.31 21.84 -3.50
C GLU A 666 -37.50 22.79 -4.36
C GLU A 666 -37.28 22.64 -4.26
N ASP A 667 -37.90 24.06 -4.43
CA ASP A 667 -37.14 25.01 -5.23
C ASP A 667 -35.77 25.43 -4.55
N VAL A 668 -34.74 25.58 -5.35
CA VAL A 668 -33.42 26.03 -4.83
C VAL A 668 -33.54 27.45 -4.29
N LYS A 669 -32.91 27.73 -3.15
CA LYS A 669 -32.88 29.08 -2.51
C LYS A 669 -31.48 29.70 -2.73
N PHE A 670 -31.40 31.05 -2.71
CA PHE A 670 -30.16 31.77 -2.96
C PHE A 670 -29.85 32.77 -1.86
N GLY A 671 -28.59 33.21 -1.79
CA GLY A 671 -28.21 34.17 -0.75
C GLY A 671 -26.79 34.62 -0.88
N ASP A 672 -26.41 35.72 -0.23
CA ASP A 672 -25.03 36.17 -0.31
C ASP A 672 -24.22 35.24 0.62
N PRO A 673 -22.90 35.10 0.36
CA PRO A 673 -22.04 34.25 1.21
C PRO A 673 -22.21 34.61 2.71
N ARG A 674 -22.19 33.60 3.57
CA ARG A 674 -22.35 33.82 5.00
C ARG A 674 -21.92 32.58 5.75
N GLU A 675 -21.67 32.75 7.04
CA GLU A 675 -21.33 31.60 7.87
C GLU A 675 -22.56 30.72 8.08
N ILE A 676 -22.35 29.40 8.13
CA ILE A 676 -23.47 28.51 8.36
C ILE A 676 -23.15 27.36 9.30
N SER A 677 -24.17 26.79 9.91
CA SER A 677 -24.03 25.69 10.86
C SER A 677 -25.00 24.58 10.44
N LEU A 678 -24.57 23.31 10.61
CA LEU A 678 -25.42 22.17 10.26
C LEU A 678 -25.26 21.04 11.29
N ARG A 679 -26.33 20.29 11.47
CA ARG A 679 -26.35 19.12 12.36
C ARG A 679 -27.27 18.03 11.76
N VAL A 680 -26.77 16.80 11.60
CA VAL A 680 -27.58 15.71 11.13
C VAL A 680 -27.75 14.75 12.30
N GLY A 681 -28.99 14.32 12.51
CA GLY A 681 -29.30 13.40 13.61
C GLY A 681 -28.96 14.02 14.95
N ASN A 682 -28.39 13.21 15.84
CA ASN A 682 -27.96 13.65 17.17
C ASN A 682 -26.47 13.85 17.09
N GLY A 683 -25.95 13.79 15.86
CA GLY A 683 -24.52 13.90 15.65
C GLY A 683 -23.89 15.22 15.98
N PRO A 684 -22.65 15.45 15.55
CA PRO A 684 -21.96 16.71 15.83
C PRO A 684 -22.54 17.89 15.06
N THR A 685 -22.33 19.08 15.58
CA THR A 685 -22.80 20.29 14.87
C THR A 685 -21.53 20.93 14.27
N LEU A 686 -21.51 21.19 12.96
CA LEU A 686 -20.34 21.75 12.30
C LEU A 686 -20.63 23.16 11.84
N ALA A 687 -19.67 24.05 12.02
CA ALA A 687 -19.81 25.43 11.60
C ALA A 687 -18.80 25.66 10.46
N PHE A 688 -19.21 26.40 9.44
CA PHE A 688 -18.41 26.70 8.27
C PHE A 688 -18.25 28.22 8.05
N SER A 689 -17.12 28.61 7.49
CA SER A 689 -16.82 30.02 7.13
C SER A 689 -17.67 30.40 5.89
N GLU A 690 -17.72 31.70 5.58
CA GLU A 690 -18.45 32.15 4.39
C GLU A 690 -17.79 31.63 3.11
N GLN A 691 -16.57 31.09 3.22
CA GLN A 691 -15.93 30.47 2.05
C GLN A 691 -16.20 28.94 1.97
N GLY A 692 -17.10 28.41 2.78
CA GLY A 692 -17.48 26.99 2.74
C GLY A 692 -16.52 26.02 3.38
N LEU A 693 -15.60 26.51 4.22
CA LEU A 693 -14.61 25.65 4.91
C LEU A 693 -14.92 25.50 6.38
N LEU A 694 -14.69 24.29 6.92
CA LEU A 694 -14.94 24.00 8.33
C LEU A 694 -14.16 24.98 9.21
N LYS A 695 -14.85 25.44 10.27
CA LYS A 695 -14.28 26.35 11.30
C LYS A 695 -14.34 25.76 12.70
N SER A 696 -15.36 24.97 13.01
CA SER A 696 -15.44 24.37 14.35
C SER A 696 -16.34 23.13 14.37
N ILE A 697 -16.13 22.29 15.40
CA ILE A 697 -16.93 21.10 15.60
C ILE A 697 -17.41 21.08 17.05
N GLN A 698 -18.73 20.93 17.24
CA GLN A 698 -19.31 20.85 18.57
C GLN A 698 -19.84 19.44 18.73
N LEU A 699 -19.25 18.66 19.63
CA LEU A 699 -19.64 17.26 19.74
C LEU A 699 -21.04 16.94 20.22
N THR A 700 -21.51 17.70 21.23
CA THR A 700 -22.84 17.49 21.78
C THR A 700 -23.56 18.81 21.98
N GLN A 701 -24.85 18.72 22.29
CA GLN A 701 -25.70 19.89 22.51
C GLN A 701 -25.04 20.95 23.40
N ASP A 702 -24.48 20.49 24.52
CA ASP A 702 -23.83 21.32 25.52
C ASP A 702 -22.36 21.78 25.33
N SER A 703 -21.54 20.86 24.80
CA SER A 703 -20.12 21.07 24.59
C SER A 703 -19.67 22.31 23.84
N PRO A 704 -18.37 22.65 23.95
CA PRO A 704 -17.91 23.82 23.21
C PRO A 704 -17.69 23.60 21.73
N HIS A 705 -17.65 24.72 21.02
CA HIS A 705 -17.38 24.70 19.58
C HIS A 705 -15.83 24.68 19.48
N VAL A 706 -15.27 23.48 19.28
CA VAL A 706 -13.82 23.33 19.20
C VAL A 706 -13.27 23.84 17.86
N PRO A 707 -12.32 24.78 17.86
CA PRO A 707 -11.76 25.28 16.59
C PRO A 707 -11.06 24.16 15.80
N VAL A 708 -11.54 23.94 14.58
CA VAL A 708 -10.96 22.92 13.66
C VAL A 708 -11.13 23.61 12.30
N HIS A 709 -10.05 24.10 11.72
CA HIS A 709 -10.17 24.86 10.47
C HIS A 709 -9.45 24.21 9.28
N PHE A 710 -10.17 24.01 8.16
CA PHE A 710 -9.54 23.52 6.94
C PHE A 710 -8.98 24.71 6.14
N LYS A 711 -7.81 24.54 5.53
CA LYS A 711 -7.17 25.60 4.74
C LYS A 711 -6.39 24.92 3.60
N PHE A 712 -6.37 25.50 2.41
CA PHE A 712 -5.60 25.02 1.29
C PHE A 712 -4.44 25.95 1.01
N LEU A 713 -3.26 25.37 0.77
CA LEU A 713 -2.03 26.15 0.57
C LEU A 713 -1.23 25.54 -0.57
N LYS A 714 -0.19 26.24 -1.01
CA LYS A 714 0.64 25.74 -2.07
C LYS A 714 2.13 25.81 -1.80
N TYR A 715 2.86 24.74 -2.18
CA TYR A 715 4.31 24.75 -2.11
C TYR A 715 4.84 24.95 -3.53
N GLY A 716 6.00 25.56 -3.66
CA GLY A 716 6.62 25.77 -4.96
C GLY A 716 7.93 24.96 -5.08
N VAL A 717 8.73 25.33 -6.08
CA VAL A 717 10.00 24.68 -6.40
C VAL A 717 11.15 25.69 -6.33
N ARG A 718 12.36 25.26 -5.94
CA ARG A 718 13.52 26.17 -5.85
C ARG A 718 13.97 26.66 -7.21
N SER A 719 14.34 27.93 -7.28
CA SER A 719 14.78 28.51 -8.54
C SER A 719 16.25 28.29 -8.82
N HIS A 720 17.00 27.93 -7.79
CA HIS A 720 18.42 27.60 -7.89
C HIS A 720 18.63 26.32 -7.02
N GLY A 721 19.61 25.50 -7.39
CA GLY A 721 19.84 24.28 -6.63
C GLY A 721 19.00 23.09 -7.12
N ASP A 722 18.83 22.09 -6.25
CA ASP A 722 18.10 20.88 -6.67
C ASP A 722 16.60 21.12 -6.77
N ARG A 723 16.01 20.53 -7.81
CA ARG A 723 14.58 20.63 -8.07
C ARG A 723 13.76 19.40 -7.67
N SER A 724 12.57 19.68 -7.13
CA SER A 724 11.61 18.64 -6.82
C SER A 724 11.29 17.90 -8.11
N GLY A 725 10.96 16.60 -7.96
CA GLY A 725 10.57 15.77 -9.09
C GLY A 725 9.67 14.63 -8.56
N ALA A 726 9.47 13.57 -9.35
CA ALA A 726 8.62 12.46 -8.93
C ALA A 726 9.05 11.79 -7.59
N TYR A 727 10.36 11.78 -7.31
CA TYR A 727 10.84 11.17 -6.05
C TYR A 727 11.03 12.19 -4.93
N LEU A 728 11.72 13.29 -5.24
CA LEU A 728 12.11 14.27 -4.23
C LEU A 728 11.16 15.45 -3.97
N PHE A 729 11.00 15.82 -2.67
CA PHE A 729 10.21 16.99 -2.28
C PHE A 729 11.28 18.02 -1.76
N LEU A 730 11.47 19.13 -2.53
CA LEU A 730 12.47 20.18 -2.19
C LEU A 730 11.75 21.53 -2.26
N PRO A 731 10.87 21.78 -1.29
CA PRO A 731 10.12 23.05 -1.31
C PRO A 731 10.95 24.32 -1.21
N ASN A 732 10.43 25.40 -1.78
CA ASN A 732 11.11 26.73 -1.68
C ASN A 732 10.48 27.44 -0.47
N GLY A 733 10.59 26.82 0.71
CA GLY A 733 10.03 27.38 1.90
C GLY A 733 8.64 26.88 2.29
N PRO A 734 8.11 27.32 3.46
CA PRO A 734 6.78 26.93 3.92
C PRO A 734 5.75 27.33 2.86
N ALA A 735 4.62 26.65 2.94
CA ALA A 735 3.54 26.85 1.97
C ALA A 735 2.83 28.22 2.12
N SER A 736 2.26 28.70 1.00
CA SER A 736 1.58 30.00 0.97
C SER A 736 0.11 29.70 0.76
N PRO A 737 -0.79 30.49 1.38
CA PRO A 737 -2.22 30.20 1.20
C PRO A 737 -2.73 30.36 -0.24
N VAL A 738 -3.63 29.46 -0.67
CA VAL A 738 -4.22 29.62 -2.02
C VAL A 738 -5.18 30.86 -1.92
N GLU A 739 -5.12 31.76 -2.88
CA GLU A 739 -6.01 32.92 -2.88
C GLU A 739 -7.37 32.40 -3.35
N LEU A 740 -8.37 32.51 -2.50
CA LEU A 740 -9.72 31.95 -2.78
C LEU A 740 -10.72 32.81 -3.51
N GLY A 741 -10.55 34.13 -3.50
CA GLY A 741 -11.52 34.99 -4.17
C GLY A 741 -12.83 34.93 -3.40
N GLN A 742 -14.00 34.98 -4.07
CA GLN A 742 -15.29 34.83 -3.36
C GLN A 742 -15.92 33.57 -3.98
N PRO A 743 -15.53 32.39 -3.48
CA PRO A 743 -16.08 31.14 -4.07
C PRO A 743 -17.58 30.86 -3.89
N VAL A 744 -18.12 30.09 -4.84
CA VAL A 744 -19.55 29.70 -4.80
C VAL A 744 -19.69 28.50 -3.84
N VAL A 745 -20.60 28.60 -2.88
CA VAL A 745 -20.86 27.56 -1.86
C VAL A 745 -22.24 26.98 -2.01
N LEU A 746 -22.36 25.65 -2.03
CA LEU A 746 -23.65 24.99 -2.14
C LEU A 746 -23.97 24.21 -0.86
N VAL A 747 -25.11 24.47 -0.22
CA VAL A 747 -25.50 23.77 1.01
C VAL A 747 -26.75 22.90 0.75
N THR A 748 -26.69 21.60 1.02
CA THR A 748 -27.83 20.70 0.85
C THR A 748 -28.14 20.17 2.23
N LYS A 749 -29.40 20.32 2.69
CA LYS A 749 -29.79 19.90 4.02
C LYS A 749 -30.90 18.88 3.93
N GLY A 750 -30.63 17.71 4.49
CA GLY A 750 -31.59 16.64 4.45
C GLY A 750 -31.66 15.92 5.78
N LYS A 751 -32.68 15.09 5.93
CA LYS A 751 -32.85 14.37 7.19
C LYS A 751 -31.82 13.27 7.41
N LEU A 752 -31.38 12.64 6.32
CA LEU A 752 -30.40 11.52 6.40
C LEU A 752 -28.97 11.96 6.03
N GLU A 753 -28.84 12.96 5.16
CA GLU A 753 -27.53 13.40 4.71
C GLU A 753 -27.58 14.90 4.35
N SER A 754 -26.57 15.64 4.80
CA SER A 754 -26.42 17.06 4.47
C SER A 754 -25.00 17.29 4.00
N SER A 755 -24.74 18.38 3.30
CA SER A 755 -23.38 18.70 2.88
C SER A 755 -23.13 20.15 2.51
N VAL A 756 -21.89 20.57 2.61
CA VAL A 756 -21.43 21.88 2.18
C VAL A 756 -20.34 21.63 1.12
N SER A 757 -20.49 22.19 -0.06
CA SER A 757 -19.49 22.01 -1.14
C SER A 757 -19.07 23.36 -1.65
N VAL A 758 -17.78 23.58 -1.93
CA VAL A 758 -17.31 24.88 -2.43
C VAL A 758 -16.31 24.69 -3.60
N GLY A 759 -16.43 25.53 -4.64
CA GLY A 759 -15.53 25.43 -5.80
C GLY A 759 -14.34 26.35 -5.61
N LEU A 760 -13.23 25.80 -5.17
CA LEU A 760 -12.00 26.59 -4.94
C LEU A 760 -11.07 26.40 -6.14
N PRO A 761 -10.04 27.24 -6.30
CA PRO A 761 -9.13 27.04 -7.44
C PRO A 761 -8.43 25.67 -7.22
N SER A 762 -8.55 24.84 -8.25
CA SER A 762 -8.02 23.47 -8.33
C SER A 762 -8.70 22.41 -7.46
N VAL A 763 -9.69 22.78 -6.65
CA VAL A 763 -10.34 21.80 -5.76
C VAL A 763 -11.81 22.05 -5.47
N VAL A 764 -12.67 21.09 -5.78
CA VAL A 764 -14.05 21.21 -5.32
C VAL A 764 -14.01 20.43 -3.99
N HIS A 765 -14.17 21.17 -2.88
CA HIS A 765 -14.07 20.64 -1.48
C HIS A 765 -15.43 20.39 -0.93
N GLN A 766 -15.69 19.22 -0.37
CA GLN A 766 -17.01 18.87 0.10
C GLN A 766 -16.98 18.24 1.50
N THR A 767 -17.85 18.70 2.41
CA THR A 767 -17.97 18.10 3.74
C THR A 767 -19.35 17.45 3.83
N ILE A 768 -19.42 16.14 4.06
CA ILE A 768 -20.69 15.40 4.11
C ILE A 768 -20.98 14.90 5.49
N MET A 769 -22.22 15.08 5.93
CA MET A 769 -22.65 14.71 7.29
C MET A 769 -23.77 13.69 7.24
N ARG A 770 -23.60 12.56 7.95
CA ARG A 770 -24.64 11.54 7.99
C ARG A 770 -24.99 11.17 9.41
N GLY A 771 -24.51 11.96 10.35
CA GLY A 771 -24.84 11.67 11.74
C GLY A 771 -23.69 11.33 12.64
N GLY A 772 -22.51 11.05 12.06
CA GLY A 772 -21.30 10.74 12.86
C GLY A 772 -20.18 11.65 12.34
N ALA A 773 -18.93 11.17 12.40
CA ALA A 773 -17.79 11.95 11.91
C ALA A 773 -18.05 12.27 10.42
N PRO A 774 -17.77 13.51 10.02
CA PRO A 774 -18.02 13.85 8.61
C PRO A 774 -17.08 13.09 7.63
N GLU A 775 -17.53 13.04 6.39
CA GLU A 775 -16.75 12.50 5.28
C GLU A 775 -16.30 13.73 4.48
N ILE A 776 -15.03 13.80 4.11
CA ILE A 776 -14.53 14.89 3.29
C ILE A 776 -14.20 14.35 1.90
N ARG A 777 -14.59 15.05 0.84
CA ARG A 777 -14.21 14.64 -0.54
C ARG A 777 -13.61 15.83 -1.25
N ASN A 778 -12.47 15.64 -1.94
CA ASN A 778 -11.86 16.69 -2.70
C ASN A 778 -11.75 16.24 -4.16
N LEU A 779 -12.37 16.98 -5.08
CA LEU A 779 -12.17 16.70 -6.50
C LEU A 779 -11.00 17.60 -6.90
N VAL A 780 -9.82 17.01 -7.08
CA VAL A 780 -8.58 17.79 -7.28
C VAL A 780 -8.14 17.82 -8.75
N ASP A 781 -8.11 19.03 -9.33
CA ASP A 781 -7.64 19.21 -10.71
C ASP A 781 -6.63 20.34 -10.72
N ILE A 782 -5.35 19.97 -10.60
CA ILE A 782 -4.23 20.94 -10.57
C ILE A 782 -4.06 21.64 -11.92
N GLY A 783 -4.75 21.16 -12.94
CA GLY A 783 -4.76 21.86 -14.22
C GLY A 783 -3.40 22.14 -14.81
N SER A 784 -3.12 23.40 -15.21
CA SER A 784 -1.81 23.73 -15.77
C SER A 784 -0.85 24.47 -14.83
N LEU A 785 -1.10 24.36 -13.53
CA LEU A 785 -0.25 25.03 -12.54
C LEU A 785 1.13 24.36 -12.38
N ASP A 786 2.10 24.72 -13.19
CA ASP A 786 3.39 24.07 -13.06
C ASP A 786 4.16 24.45 -11.76
N ASN A 787 4.99 23.50 -11.38
CA ASN A 787 5.83 23.65 -10.21
C ASN A 787 5.05 24.06 -8.97
N THR A 788 3.97 23.32 -8.75
CA THR A 788 3.09 23.59 -7.61
C THR A 788 2.65 22.27 -6.91
N GLU A 789 2.63 22.29 -5.57
CA GLU A 789 2.09 21.15 -4.82
C GLU A 789 0.98 21.73 -3.95
N ILE A 790 -0.23 21.18 -4.06
CA ILE A 790 -1.39 21.64 -3.28
C ILE A 790 -1.55 20.81 -2.01
N VAL A 791 -1.60 21.47 -0.86
CA VAL A 791 -1.74 20.77 0.41
C VAL A 791 -3.02 21.17 1.13
N MET A 792 -3.63 20.22 1.83
CA MET A 792 -4.81 20.49 2.65
C MET A 792 -4.32 20.43 4.11
N ARG A 793 -4.50 21.52 4.85
CA ARG A 793 -4.08 21.62 6.26
C ARG A 793 -5.29 21.77 7.18
N LEU A 794 -5.20 21.19 8.37
CA LEU A 794 -6.15 21.37 9.48
C LEU A 794 -5.40 22.14 10.60
N GLU A 795 -6.02 23.24 11.06
CA GLU A 795 -5.44 24.05 12.15
C GLU A 795 -6.32 23.92 13.38
N THR A 796 -5.73 23.53 14.51
CA THR A 796 -6.51 23.37 15.73
C THR A 796 -5.69 24.01 16.87
N HIS A 797 -6.28 23.95 18.05
CA HIS A 797 -5.53 24.48 19.21
C HIS A 797 -5.07 23.33 20.13
C HIS A 797 -4.63 23.39 19.83
N ILE A 798 -5.16 22.07 19.65
CA ILE A 798 -4.71 20.88 20.40
C ILE A 798 -3.21 21.09 20.68
N ASP A 799 -2.81 20.86 21.95
CA ASP A 799 -1.43 21.07 22.39
C ASP A 799 -0.59 19.80 22.17
N SER A 800 -0.36 19.53 20.91
CA SER A 800 0.40 18.34 20.49
C SER A 800 1.90 18.54 20.51
N GLY A 801 2.37 19.79 20.53
CA GLY A 801 3.78 20.08 20.53
C GLY A 801 4.50 19.65 19.28
N ASP A 802 5.43 18.70 19.40
CA ASP A 802 6.16 18.18 18.26
C ASP A 802 5.82 16.70 17.95
N ILE A 803 4.76 16.17 18.54
CA ILE A 803 4.38 14.76 18.34
C ILE A 803 3.15 14.61 17.44
N PHE A 804 3.19 13.60 16.55
CA PHE A 804 2.07 13.22 15.74
C PHE A 804 2.20 11.72 15.42
N TYR A 805 1.16 11.14 14.85
CA TYR A 805 1.14 9.71 14.55
C TYR A 805 0.72 9.49 13.11
N THR A 806 1.38 8.54 12.43
CA THR A 806 1.02 8.19 11.04
C THR A 806 0.99 6.64 10.99
N ASP A 807 0.31 6.05 10.01
CA ASP A 807 0.30 4.59 9.92
C ASP A 807 1.34 4.02 8.98
N LEU A 808 1.59 2.73 9.18
CA LEU A 808 2.52 1.98 8.26
C LEU A 808 1.71 0.91 7.56
N ASN A 809 1.50 1.09 6.23
CA ASN A 809 0.80 0.09 5.38
C ASN A 809 -0.59 -0.28 5.83
N GLY A 810 -1.28 0.64 6.54
CA GLY A 810 -2.64 0.30 6.97
C GLY A 810 -2.67 -0.77 8.09
N LEU A 811 -1.51 -1.07 8.69
CA LEU A 811 -1.37 -2.12 9.70
C LEU A 811 -1.21 -1.62 11.16
N GLN A 812 -0.49 -0.51 11.32
CA GLN A 812 -0.11 -0.04 12.69
C GLN A 812 0.16 1.44 12.67
N PHE A 813 -0.01 2.10 13.83
CA PHE A 813 0.31 3.52 13.94
C PHE A 813 1.60 3.72 14.70
N ILE A 814 2.51 4.54 14.16
CA ILE A 814 3.80 4.77 14.78
C ILE A 814 3.92 6.25 15.17
N LYS A 815 4.54 6.46 16.34
CA LYS A 815 4.81 7.82 16.84
C LYS A 815 5.91 8.51 16.03
N ARG A 816 5.63 9.73 15.61
CA ARG A 816 6.58 10.59 14.90
C ARG A 816 6.91 11.81 15.76
N ARG A 817 8.15 12.31 15.63
CA ARG A 817 8.50 13.55 16.35
C ARG A 817 9.09 14.49 15.30
N ARG A 818 8.42 15.65 15.16
CA ARG A 818 8.90 16.68 14.26
C ARG A 818 10.27 17.16 14.78
N LEU A 819 11.25 17.15 13.89
CA LEU A 819 12.65 17.59 14.22
C LEU A 819 13.03 18.89 13.48
N ASP A 820 13.20 19.99 14.23
CA ASP A 820 13.55 21.21 13.55
C ASP A 820 15.05 21.22 13.10
N LYS A 821 15.83 20.22 13.55
CA LYS A 821 17.21 20.11 13.09
C LYS A 821 17.23 19.52 11.66
N LEU A 822 16.07 19.04 11.17
CA LEU A 822 15.99 18.50 9.77
C LEU A 822 15.10 19.46 8.95
N PRO A 823 15.28 19.47 7.62
CA PRO A 823 14.49 20.35 6.74
C PRO A 823 13.02 19.89 6.66
N LEU A 824 12.15 20.81 6.25
CA LEU A 824 10.74 20.55 6.14
C LEU A 824 10.41 19.18 5.45
N GLN A 825 11.04 18.91 4.33
CA GLN A 825 10.73 17.66 3.58
C GLN A 825 11.10 16.38 4.33
N ALA A 826 12.01 16.48 5.31
CA ALA A 826 12.39 15.30 6.10
C ALA A 826 11.29 14.99 7.11
N ASN A 827 10.46 15.99 7.46
CA ASN A 827 9.36 15.81 8.45
C ASN A 827 8.06 15.33 7.82
N TYR A 828 8.12 15.11 6.51
CA TYR A 828 6.99 14.49 5.75
C TYR A 828 7.17 12.97 5.84
N TYR A 829 6.04 12.30 6.05
CA TYR A 829 5.98 10.82 6.17
C TYR A 829 4.84 10.25 5.34
N PRO A 830 4.89 8.95 5.04
CA PRO A 830 3.78 8.39 4.27
C PRO A 830 2.51 8.40 5.16
N ILE A 831 1.33 8.66 4.55
CA ILE A 831 0.02 8.56 5.21
C ILE A 831 -0.76 7.51 4.38
N PRO A 832 -0.40 6.22 4.53
CA PRO A 832 -1.10 5.20 3.72
C PRO A 832 -2.55 5.06 4.06
N SER A 833 -3.00 5.36 5.29
CA SER A 833 -4.42 5.24 5.62
C SER A 833 -4.88 6.18 6.75
N GLY A 834 -3.95 6.81 7.50
CA GLY A 834 -4.44 7.70 8.58
C GLY A 834 -3.34 8.38 9.34
N MET A 835 -3.75 9.45 10.05
CA MET A 835 -2.79 10.22 10.87
C MET A 835 -3.59 10.94 11.99
N PHE A 836 -2.89 11.22 13.09
CA PHE A 836 -3.62 11.95 14.20
C PHE A 836 -2.65 12.73 15.07
N ILE A 837 -3.24 13.72 15.78
CA ILE A 837 -2.53 14.51 16.81
C ILE A 837 -3.42 14.48 18.05
N GLU A 838 -2.77 14.57 19.23
CA GLU A 838 -3.54 14.58 20.48
C GLU A 838 -2.77 15.28 21.63
N ASP A 839 -3.57 15.69 22.63
CA ASP A 839 -3.00 16.20 23.88
C ASP A 839 -3.63 15.37 24.99
N ALA A 840 -3.59 15.85 26.24
CA ALA A 840 -4.16 15.05 27.29
C ALA A 840 -5.64 14.81 27.19
N ASN A 841 -6.35 15.74 26.53
CA ASN A 841 -7.79 15.61 26.47
C ASN A 841 -8.49 15.39 25.14
N THR A 842 -7.84 15.84 24.07
CA THR A 842 -8.47 15.89 22.75
C THR A 842 -7.59 15.26 21.66
N ARG A 843 -8.26 14.57 20.75
CA ARG A 843 -7.58 13.97 19.57
C ARG A 843 -8.32 14.33 18.26
N LEU A 844 -7.55 14.56 17.22
CA LEU A 844 -8.07 14.76 15.86
C LEU A 844 -7.41 13.71 14.94
N THR A 845 -8.25 12.85 14.38
CA THR A 845 -7.76 11.79 13.47
C THR A 845 -8.33 12.02 12.04
N LEU A 846 -7.45 11.99 11.03
CA LEU A 846 -7.85 12.11 9.62
C LEU A 846 -7.58 10.73 8.98
N LEU A 847 -8.65 10.02 8.58
CA LEU A 847 -8.47 8.70 7.87
C LEU A 847 -8.57 8.98 6.35
N THR A 848 -7.80 8.23 5.56
CA THR A 848 -7.76 8.41 4.08
C THR A 848 -8.19 7.18 3.26
N GLY A 849 -8.70 7.43 2.06
CA GLY A 849 -9.05 6.35 1.13
C GLY A 849 -7.97 6.14 0.07
N GLN A 850 -6.81 6.75 0.28
CA GLN A 850 -5.69 6.64 -0.68
C GLN A 850 -4.41 7.10 0.03
N PRO A 851 -3.26 6.50 -0.32
CA PRO A 851 -1.99 6.92 0.30
C PRO A 851 -1.52 8.28 -0.27
N LEU A 852 -1.14 9.20 0.66
CA LEU A 852 -0.64 10.52 0.30
C LEU A 852 0.47 10.91 1.29
N GLY A 853 1.23 11.97 1.02
CA GLY A 853 2.27 12.35 1.98
C GLY A 853 1.78 13.41 2.98
N GLY A 854 2.31 13.44 4.20
CA GLY A 854 1.80 14.46 5.14
C GLY A 854 2.69 14.68 6.34
N SER A 855 2.26 15.58 7.24
CA SER A 855 3.08 15.91 8.42
C SER A 855 2.24 16.73 9.39
N SER A 856 2.90 17.12 10.48
CA SER A 856 2.33 18.09 11.46
C SER A 856 3.55 19.05 11.62
N LEU A 857 3.53 20.22 10.94
CA LEU A 857 4.69 21.13 10.96
C LEU A 857 4.71 22.16 12.10
N ALA A 858 3.64 22.14 12.87
CA ALA A 858 3.45 22.98 14.07
C ALA A 858 2.42 22.35 15.00
N SER A 859 2.52 22.64 16.32
CA SER A 859 1.61 22.13 17.30
C SER A 859 0.18 22.47 16.88
N GLY A 860 -0.69 21.48 17.01
CA GLY A 860 -2.09 21.63 16.69
C GLY A 860 -2.42 21.44 15.18
N GLU A 861 -1.43 21.17 14.32
CA GLU A 861 -1.73 21.03 12.90
C GLU A 861 -1.63 19.62 12.33
N LEU A 862 -2.36 19.38 11.26
CA LEU A 862 -2.17 18.14 10.46
C LEU A 862 -2.20 18.63 9.01
N GLU A 863 -1.43 18.03 8.09
CA GLU A 863 -1.56 18.45 6.70
C GLU A 863 -1.23 17.25 5.80
N ILE A 864 -1.86 17.24 4.63
CA ILE A 864 -1.68 16.09 3.69
C ILE A 864 -1.72 16.63 2.25
N MET A 865 -0.75 16.22 1.44
CA MET A 865 -0.64 16.69 0.08
C MET A 865 -1.73 16.05 -0.80
N GLN A 866 -2.28 16.86 -1.73
CA GLN A 866 -3.36 16.42 -2.63
C GLN A 866 -2.85 16.03 -4.03
N ASP A 867 -1.94 16.83 -4.62
CA ASP A 867 -1.31 16.54 -5.93
C ASP A 867 -0.14 17.48 -6.08
N ARG A 868 0.69 17.16 -7.06
CA ARG A 868 1.90 17.90 -7.34
C ARG A 868 2.20 17.80 -8.83
N ARG A 869 2.54 18.95 -9.42
CA ARG A 869 2.86 19.05 -10.88
C ARG A 869 4.22 19.73 -10.93
N LEU A 870 5.18 19.04 -11.52
CA LEU A 870 6.59 19.43 -11.53
C LEU A 870 7.19 19.38 -12.92
N ALA A 871 7.83 20.48 -13.31
CA ALA A 871 8.38 20.54 -14.66
C ALA A 871 9.74 19.88 -14.82
N SER A 872 10.47 19.72 -13.72
CA SER A 872 11.81 19.16 -13.85
C SER A 872 12.00 17.74 -13.40
N ASP A 873 13.03 17.10 -13.94
CA ASP A 873 13.46 15.74 -13.55
C ASP A 873 14.33 15.94 -12.29
N ASP A 874 14.34 14.95 -11.39
CA ASP A 874 15.09 15.03 -10.13
C ASP A 874 16.31 14.12 -10.05
N GLU A 875 16.87 13.80 -11.20
CA GLU A 875 18.16 13.11 -11.26
C GLU A 875 18.28 11.73 -10.64
N ARG A 876 17.15 11.00 -10.61
CA ARG A 876 17.17 9.60 -10.10
C ARG A 876 16.94 8.58 -11.21
N GLY A 877 16.98 9.04 -12.46
CA GLY A 877 16.83 8.17 -13.61
C GLY A 877 15.53 8.22 -14.39
N LEU A 878 14.49 8.87 -13.86
CA LEU A 878 13.19 8.88 -14.56
C LEU A 878 13.27 9.64 -15.90
N GLY A 879 14.02 10.75 -15.90
CA GLY A 879 14.20 11.52 -17.13
C GLY A 879 13.01 12.34 -17.58
N GLN A 880 12.12 12.71 -16.67
CA GLN A 880 11.03 13.59 -17.01
C GLN A 880 10.46 14.15 -15.69
N GLY A 881 9.67 15.21 -15.79
CA GLY A 881 8.96 15.75 -14.63
C GLY A 881 7.63 15.00 -14.49
N VAL A 882 6.68 15.60 -13.79
CA VAL A 882 5.36 15.00 -13.59
C VAL A 882 4.40 16.07 -14.12
N LEU A 883 3.95 15.86 -15.36
CA LEU A 883 3.05 16.85 -16.02
C LEU A 883 1.83 16.17 -16.62
N ASP A 884 1.51 14.97 -16.16
CA ASP A 884 0.39 14.14 -16.66
C ASP A 884 -0.75 14.00 -15.68
N ASN A 885 -0.88 14.99 -14.80
CA ASN A 885 -1.95 15.02 -13.80
C ASN A 885 -3.33 14.90 -14.44
N LYS A 886 -4.28 14.32 -13.71
CA LYS A 886 -5.65 14.26 -14.17
C LYS A 886 -6.57 14.38 -12.93
N PRO A 887 -7.84 14.75 -13.12
CA PRO A 887 -8.75 14.89 -11.96
C PRO A 887 -8.84 13.65 -11.13
N VAL A 888 -8.80 13.79 -9.81
CA VAL A 888 -8.91 12.64 -8.90
C VAL A 888 -9.84 13.01 -7.73
N LEU A 889 -10.67 12.07 -7.30
CA LEU A 889 -11.53 12.28 -6.14
C LEU A 889 -10.91 11.63 -4.86
N HIS A 890 -10.30 12.47 -4.03
CA HIS A 890 -9.76 11.97 -2.75
C HIS A 890 -10.85 11.92 -1.69
N ILE A 891 -10.83 10.88 -0.83
CA ILE A 891 -11.86 10.75 0.21
C ILE A 891 -11.21 10.60 1.58
N TYR A 892 -11.93 11.06 2.61
CA TYR A 892 -11.47 11.05 4.00
C TYR A 892 -12.59 10.98 5.02
N ARG A 893 -12.23 10.65 6.29
CA ARG A 893 -13.21 10.80 7.40
C ARG A 893 -12.40 11.64 8.41
N LEU A 894 -13.11 12.59 9.09
CA LEU A 894 -12.48 13.48 10.08
C LEU A 894 -13.12 13.25 11.45
N VAL A 895 -12.33 12.69 12.39
CA VAL A 895 -12.84 12.29 13.70
C VAL A 895 -12.23 13.09 14.86
N LEU A 896 -13.06 13.95 15.49
CA LEU A 896 -12.64 14.73 16.66
C LEU A 896 -13.22 13.97 17.87
N GLU A 897 -12.36 13.67 18.86
CA GLU A 897 -12.81 12.89 20.03
C GLU A 897 -12.15 13.35 21.33
N LYS A 898 -12.83 13.08 22.45
CA LYS A 898 -12.24 13.33 23.75
C LYS A 898 -11.53 12.01 24.12
N VAL A 899 -10.27 12.10 24.55
CA VAL A 899 -9.48 10.93 24.90
C VAL A 899 -8.96 10.94 26.35
N ASN A 900 -9.41 11.88 27.19
CA ASN A 900 -8.91 11.93 28.58
C ASN A 900 -9.23 10.63 29.39
N ASN A 901 -10.27 9.91 29.01
CA ASN A 901 -10.62 8.66 29.69
C ASN A 901 -10.03 7.40 29.05
N CYS A 902 -9.33 7.54 27.92
CA CYS A 902 -8.74 6.35 27.26
C CYS A 902 -7.45 5.86 27.93
N VAL A 903 -7.28 4.54 27.96
CA VAL A 903 -6.04 3.96 28.52
C VAL A 903 -5.04 3.97 27.34
N ARG A 904 -4.08 4.87 27.40
CA ARG A 904 -3.09 5.02 26.33
C ARG A 904 -1.71 4.53 26.74
N PRO A 905 -0.84 4.27 25.75
CA PRO A 905 0.52 3.82 26.08
C PRO A 905 1.23 4.95 26.86
N SER A 906 2.27 4.58 27.60
CA SER A 906 3.06 5.56 28.32
C SER A 906 3.83 6.46 27.35
N LYS A 907 4.42 7.52 27.88
CA LYS A 907 5.16 8.49 27.10
C LYS A 907 6.32 7.91 26.32
N LEU A 908 6.90 6.83 26.82
CA LEU A 908 8.04 6.23 26.16
C LEU A 908 7.70 5.15 25.13
N HIS A 909 6.42 4.79 25.00
CA HIS A 909 6.03 3.76 24.02
C HIS A 909 6.07 4.31 22.59
N PRO A 910 6.65 3.57 21.65
CA PRO A 910 6.71 4.08 20.25
C PRO A 910 5.45 3.94 19.38
N ALA A 911 4.39 3.30 19.91
CA ALA A 911 3.17 3.11 19.11
C ALA A 911 2.00 3.94 19.57
N GLY A 912 0.98 4.03 18.69
CA GLY A 912 -0.28 4.62 19.07
C GLY A 912 -1.38 3.70 18.55
N TYR A 913 -2.63 3.90 18.99
CA TYR A 913 -3.76 3.04 18.61
C TYR A 913 -5.00 3.88 18.40
N LEU A 914 -5.83 3.43 17.45
CA LEU A 914 -7.10 4.10 17.16
C LEU A 914 -8.19 3.74 18.15
N THR A 915 -9.21 4.60 18.17
CA THR A 915 -10.41 4.33 18.95
C THR A 915 -11.36 3.54 18.01
N SER A 916 -12.43 2.98 18.59
CA SER A 916 -13.45 2.28 17.82
C SER A 916 -14.01 3.14 16.68
N ALA A 917 -14.41 4.37 16.99
CA ALA A 917 -14.98 5.21 15.94
C ALA A 917 -14.02 5.51 14.81
N ALA A 918 -12.74 5.66 15.13
CA ALA A 918 -11.77 5.98 14.04
C ALA A 918 -11.50 4.73 13.21
N HIS A 919 -11.41 3.58 13.84
CA HIS A 919 -11.20 2.34 13.08
C HIS A 919 -12.41 2.08 12.16
N LYS A 920 -13.65 2.21 12.67
CA LYS A 920 -14.82 2.00 11.78
C LYS A 920 -14.82 3.04 10.66
N ALA A 921 -14.41 4.28 10.94
CA ALA A 921 -14.40 5.29 9.87
C ALA A 921 -13.37 4.85 8.76
N SER A 922 -12.20 4.29 9.18
CA SER A 922 -11.25 3.81 8.16
C SER A 922 -11.86 2.68 7.35
N GLN A 923 -12.56 1.73 7.99
CA GLN A 923 -13.21 0.61 7.26
C GLN A 923 -14.27 1.15 6.29
N SER A 924 -14.95 2.27 6.63
CA SER A 924 -15.98 2.84 5.70
C SER A 924 -15.39 3.35 4.41
N LEU A 925 -14.12 3.78 4.47
CA LEU A 925 -13.38 4.29 3.29
C LEU A 925 -12.75 3.17 2.45
N LEU A 926 -12.14 2.18 3.13
CA LEU A 926 -11.45 1.12 2.39
C LEU A 926 -12.30 -0.03 1.96
N ASP A 927 -13.27 -0.42 2.76
CA ASP A 927 -14.15 -1.56 2.43
C ASP A 927 -15.65 -1.26 2.65
N PRO A 928 -16.15 -0.30 1.87
CA PRO A 928 -17.56 0.08 1.95
C PRO A 928 -18.48 -1.06 1.47
N LEU A 929 -19.79 -0.91 1.68
CA LEU A 929 -20.69 -1.88 1.07
C LEU A 929 -20.58 -1.81 -0.46
N ASP A 930 -20.70 -2.95 -1.13
CA ASP A 930 -20.73 -2.97 -2.63
C ASP A 930 -22.23 -2.90 -3.08
N LYS A 931 -22.50 -2.26 -4.21
CA LYS A 931 -23.89 -2.09 -4.67
C LYS A 931 -24.07 -2.66 -6.05
N PHE A 932 -25.15 -3.46 -6.22
CA PHE A 932 -25.47 -4.13 -7.50
C PHE A 932 -26.88 -3.76 -7.97
N ILE A 933 -27.02 -3.42 -9.24
CA ILE A 933 -28.35 -3.07 -9.84
C ILE A 933 -28.75 -4.21 -10.77
N PHE A 934 -29.91 -4.86 -10.55
CA PHE A 934 -30.33 -5.95 -11.45
C PHE A 934 -30.49 -5.40 -12.88
N ALA A 935 -29.86 -6.05 -13.86
CA ALA A 935 -29.88 -5.50 -15.20
C ALA A 935 -31.08 -5.71 -16.10
N GLU A 936 -31.86 -6.78 -15.89
CA GLU A 936 -33.04 -7.06 -16.73
C GLU A 936 -34.30 -6.54 -16.06
N ASN A 937 -35.46 -6.74 -16.70
CA ASN A 937 -36.67 -6.23 -16.09
C ASN A 937 -37.20 -7.03 -14.93
N GLU A 938 -37.04 -8.36 -14.95
CA GLU A 938 -37.59 -9.17 -13.85
C GLU A 938 -36.60 -10.24 -13.42
N TRP A 939 -36.36 -10.32 -12.11
CA TRP A 939 -35.43 -11.33 -11.56
C TRP A 939 -36.26 -12.51 -11.06
N ILE A 940 -36.34 -13.61 -11.83
CA ILE A 940 -37.14 -14.77 -11.40
C ILE A 940 -36.41 -15.56 -10.31
N GLY A 941 -37.11 -15.89 -9.24
CA GLY A 941 -36.50 -16.64 -8.15
C GLY A 941 -35.68 -15.82 -7.15
N ALA A 942 -35.76 -14.49 -7.20
CA ALA A 942 -35.02 -13.65 -6.26
C ALA A 942 -35.24 -13.93 -4.79
N GLN A 943 -34.18 -13.84 -3.99
CA GLN A 943 -34.23 -14.03 -2.56
C GLN A 943 -33.77 -12.76 -1.84
N GLY A 944 -34.18 -12.61 -0.59
CA GLY A 944 -33.94 -11.39 0.14
C GLY A 944 -32.66 -11.18 0.91
N GLN A 945 -31.99 -12.26 1.27
CA GLN A 945 -30.79 -12.12 2.08
C GLN A 945 -29.90 -13.36 2.01
N PHE A 946 -28.61 -13.16 2.24
CA PHE A 946 -27.64 -14.29 2.31
C PHE A 946 -26.75 -13.98 3.48
N GLY A 947 -26.44 -14.99 4.31
CA GLY A 947 -25.57 -14.76 5.43
C GLY A 947 -26.17 -14.38 6.77
N GLY A 948 -27.50 -14.39 6.91
CA GLY A 948 -28.09 -14.05 8.20
C GLY A 948 -27.60 -14.94 9.33
N ASP A 949 -27.13 -16.14 9.02
CA ASP A 949 -26.64 -17.02 10.05
C ASP A 949 -25.09 -16.97 10.24
N HIS A 950 -24.40 -16.06 9.55
CA HIS A 950 -22.96 -15.93 9.74
C HIS A 950 -22.69 -15.23 11.10
N PRO A 951 -21.68 -15.66 11.86
CA PRO A 951 -21.38 -15.04 13.16
C PRO A 951 -20.96 -13.57 12.99
N SER A 952 -21.40 -12.72 13.91
CA SER A 952 -21.06 -11.30 13.89
C SER A 952 -19.93 -11.15 14.89
N ALA A 953 -18.70 -11.06 14.38
CA ALA A 953 -17.51 -11.04 15.24
C ALA A 953 -17.19 -9.69 15.90
N ARG A 954 -16.42 -9.73 16.98
CA ARG A 954 -16.03 -8.51 17.68
C ARG A 954 -15.43 -7.50 16.67
N GLU A 955 -15.67 -6.21 16.92
CA GLU A 955 -15.34 -5.13 15.97
C GLU A 955 -13.87 -5.01 15.57
N ASP A 956 -12.95 -5.49 16.44
CA ASP A 956 -11.51 -5.37 16.12
C ASP A 956 -11.02 -6.54 15.25
N LEU A 957 -11.88 -7.50 14.94
CA LEU A 957 -11.45 -8.66 14.12
C LEU A 957 -11.92 -8.52 12.67
N ASP A 958 -11.05 -8.86 11.71
CA ASP A 958 -11.46 -8.85 10.31
C ASP A 958 -11.03 -10.15 9.60
N VAL A 959 -11.84 -10.58 8.64
CA VAL A 959 -11.46 -11.68 7.71
C VAL A 959 -10.89 -10.93 6.50
N SER A 960 -9.56 -10.69 6.54
CA SER A 960 -8.86 -9.90 5.52
C SER A 960 -8.91 -10.56 4.14
N VAL A 961 -8.82 -11.89 4.16
CA VAL A 961 -8.88 -12.69 2.92
C VAL A 961 -9.74 -13.97 3.14
N MET A 962 -10.60 -14.26 2.16
CA MET A 962 -11.30 -15.54 2.04
C MET A 962 -11.06 -15.93 0.59
N ARG A 963 -10.45 -17.10 0.39
CA ARG A 963 -10.09 -17.58 -0.94
C ARG A 963 -10.20 -19.11 -1.08
N ARG A 964 -11.02 -19.58 -2.03
CA ARG A 964 -11.07 -21.05 -2.27
C ARG A 964 -9.75 -21.39 -3.01
N LEU A 965 -9.06 -22.44 -2.52
CA LEU A 965 -7.72 -22.80 -3.00
C LEU A 965 -7.73 -23.98 -4.00
N THR A 966 -8.90 -24.61 -4.19
CA THR A 966 -9.07 -25.76 -5.10
C THR A 966 -10.07 -25.51 -6.24
N LYS A 967 -9.83 -26.12 -7.39
CA LYS A 967 -10.75 -26.09 -8.53
C LYS A 967 -11.81 -27.20 -8.30
N SER A 968 -12.85 -27.20 -9.15
CA SER A 968 -14.01 -28.08 -8.94
C SER A 968 -13.73 -29.58 -9.03
N SER A 969 -12.67 -29.95 -9.71
CA SER A 969 -12.39 -31.40 -9.81
C SER A 969 -11.71 -32.03 -8.58
N ALA A 970 -11.27 -31.26 -7.58
CA ALA A 970 -10.68 -31.82 -6.37
C ALA A 970 -11.70 -32.45 -5.47
N LYS A 971 -11.46 -33.73 -5.14
CA LYS A 971 -12.35 -34.44 -4.25
C LYS A 971 -12.45 -33.74 -2.88
N THR A 972 -11.32 -33.26 -2.37
CA THR A 972 -11.31 -32.54 -1.10
C THR A 972 -11.15 -31.04 -1.39
N GLN A 973 -12.19 -30.26 -1.11
CA GLN A 973 -12.12 -28.80 -1.32
C GLN A 973 -11.40 -28.12 -0.17
N ARG A 974 -10.68 -27.05 -0.48
CA ARG A 974 -9.95 -26.31 0.56
C ARG A 974 -10.22 -24.81 0.42
N VAL A 975 -10.44 -24.16 1.56
CA VAL A 975 -10.69 -22.71 1.55
C VAL A 975 -9.79 -22.06 2.57
N GLY A 976 -9.08 -21.01 2.14
CA GLY A 976 -8.14 -20.30 3.00
C GLY A 976 -8.69 -18.97 3.52
N TYR A 977 -8.34 -18.68 4.75
CA TYR A 977 -8.75 -17.44 5.42
C TYR A 977 -7.55 -16.76 6.10
N VAL A 978 -7.42 -15.44 5.93
CA VAL A 978 -6.42 -14.64 6.71
C VAL A 978 -7.25 -13.81 7.72
N LEU A 979 -7.00 -14.01 9.02
CA LEU A 979 -7.71 -13.31 10.10
C LEU A 979 -6.79 -12.30 10.75
N HIS A 980 -7.21 -11.05 10.84
CA HIS A 980 -6.40 -10.01 11.45
C HIS A 980 -7.15 -9.34 12.62
N ARG A 981 -6.52 -9.21 13.78
CA ARG A 981 -7.15 -8.44 14.85
C ARG A 981 -6.31 -7.22 15.11
N THR A 982 -6.93 -6.04 15.05
CA THR A 982 -6.20 -4.79 15.36
C THR A 982 -6.31 -4.57 16.88
N ASN A 983 -5.83 -3.43 17.36
CA ASN A 983 -5.97 -3.14 18.83
C ASN A 983 -6.57 -1.75 18.97
N LEU A 984 -7.72 -1.72 19.62
CA LEU A 984 -8.48 -0.45 19.82
C LEU A 984 -8.39 -0.01 21.26
N MET A 985 -8.36 1.30 21.49
CA MET A 985 -8.25 1.83 22.86
C MET A 985 -9.44 1.56 23.72
N GLN A 986 -9.18 1.32 25.00
CA GLN A 986 -10.29 1.11 25.94
C GLN A 986 -10.57 2.54 26.45
N CYS A 987 -11.76 3.06 26.16
CA CYS A 987 -12.09 4.42 26.61
C CYS A 987 -13.36 4.47 27.46
N GLY A 988 -13.77 3.34 28.04
CA GLY A 988 -14.95 3.35 28.88
C GLY A 988 -16.27 2.93 28.29
N THR A 989 -16.29 2.49 27.03
CA THR A 989 -17.54 2.03 26.42
C THR A 989 -17.70 0.54 26.63
N PRO A 990 -18.80 0.10 27.26
CA PRO A 990 -18.97 -1.34 27.49
C PRO A 990 -18.88 -2.24 26.24
N GLU A 991 -19.45 -1.83 25.09
CA GLU A 991 -19.42 -2.66 23.87
C GLU A 991 -19.32 -4.17 24.19
N GLU A 992 -20.45 -4.87 24.15
CA GLU A 992 -20.45 -6.28 24.51
C GLU A 992 -20.92 -7.26 23.45
N HIS A 993 -21.68 -8.24 23.92
CA HIS A 993 -22.26 -9.33 23.11
C HIS A 993 -21.96 -9.43 21.63
N THR A 994 -20.98 -10.29 21.31
CA THR A 994 -20.63 -10.59 19.92
C THR A 994 -20.47 -12.12 19.92
N GLN A 995 -20.40 -12.72 18.74
CA GLN A 995 -20.26 -14.16 18.64
C GLN A 995 -18.85 -14.56 18.22
N LYS A 996 -18.40 -15.69 18.73
CA LYS A 996 -17.09 -16.21 18.35
C LYS A 996 -17.14 -16.57 16.86
N LEU A 997 -16.10 -16.18 16.12
CA LEU A 997 -16.02 -16.50 14.70
C LEU A 997 -15.02 -17.63 14.53
N ASP A 998 -15.52 -18.77 14.05
CA ASP A 998 -14.64 -19.92 13.74
C ASP A 998 -14.71 -20.07 12.22
N VAL A 999 -13.67 -19.58 11.53
CA VAL A 999 -13.73 -19.65 10.06
C VAL A 999 -13.77 -21.05 9.48
N CYS A 1000 -13.30 -22.03 10.24
CA CYS A 1000 -13.30 -23.39 9.70
C CYS A 1000 -14.71 -24.01 9.62
N HIS A 1001 -15.71 -23.42 10.30
CA HIS A 1001 -17.06 -23.95 10.19
C HIS A 1001 -17.98 -23.03 9.35
N LEU A 1002 -17.40 -22.05 8.64
CA LEU A 1002 -18.26 -21.22 7.75
C LEU A 1002 -18.84 -22.01 6.54
N LEU A 1003 -18.11 -23.02 6.04
CA LEU A 1003 -18.61 -23.84 4.94
C LEU A 1003 -18.98 -25.19 5.59
N PRO A 1004 -20.01 -25.86 5.06
CA PRO A 1004 -20.42 -27.13 5.67
C PRO A 1004 -19.49 -28.30 5.37
N ASN A 1005 -19.75 -29.38 6.09
CA ASN A 1005 -18.99 -30.63 5.94
C ASN A 1005 -17.48 -30.50 6.08
N VAL A 1006 -17.03 -29.79 7.11
CA VAL A 1006 -15.61 -29.63 7.31
C VAL A 1006 -15.04 -30.98 7.80
N ALA A 1007 -13.90 -31.38 7.24
CA ALA A 1007 -13.23 -32.63 7.61
C ALA A 1007 -11.88 -32.36 8.28
N ARG A 1008 -11.34 -31.14 8.12
CA ARG A 1008 -10.03 -30.84 8.73
C ARG A 1008 -9.85 -29.31 8.79
N CYS A 1009 -9.12 -28.84 9.81
CA CYS A 1009 -8.83 -27.41 9.93
C CYS A 1009 -7.35 -27.31 10.31
N GLU A 1010 -6.59 -26.51 9.54
CA GLU A 1010 -5.18 -26.34 9.81
C GLU A 1010 -4.76 -24.87 9.89
N ARG A 1011 -3.87 -24.56 10.82
CA ARG A 1011 -3.27 -23.22 10.82
C ARG A 1011 -2.09 -23.31 9.82
N THR A 1012 -1.94 -22.31 8.95
CA THR A 1012 -0.88 -22.29 7.95
C THR A 1012 -0.09 -20.94 7.96
N THR A 1013 1.00 -20.91 7.21
CA THR A 1013 1.70 -19.65 6.94
C THR A 1013 0.68 -18.74 6.21
N LEU A 1014 1.00 -17.43 6.17
CA LEU A 1014 0.03 -16.47 5.58
C LEU A 1014 -0.22 -16.60 4.11
N THR A 1015 0.71 -17.28 3.42
CA THR A 1015 0.64 -17.57 1.98
C THR A 1015 -0.15 -18.88 1.70
N PHE A 1016 -0.58 -19.57 2.79
CA PHE A 1016 -1.31 -20.88 2.74
C PHE A 1016 -0.40 -22.02 2.25
N LEU A 1017 0.91 -21.79 2.11
CA LEU A 1017 1.79 -22.84 1.52
C LEU A 1017 2.35 -23.90 2.45
N GLN A 1018 2.32 -23.69 3.76
CA GLN A 1018 2.82 -24.69 4.72
C GLN A 1018 1.87 -24.85 5.88
N ASN A 1019 1.56 -26.12 6.25
CA ASN A 1019 0.67 -26.38 7.39
C ASN A 1019 1.53 -26.36 8.64
N LEU A 1020 1.08 -25.61 9.63
CA LEU A 1020 1.81 -25.43 10.87
C LEU A 1020 1.17 -26.11 12.10
N GLU A 1021 -0.14 -26.32 12.07
CA GLU A 1021 -0.84 -26.92 13.21
C GLU A 1021 -2.13 -27.61 12.81
N HIS A 1022 -2.35 -28.84 13.29
CA HIS A 1022 -3.60 -29.55 13.00
C HIS A 1022 -4.51 -29.19 14.17
N LEU A 1023 -5.68 -28.62 13.85
CA LEU A 1023 -6.55 -28.11 14.89
C LEU A 1023 -7.62 -29.02 15.48
N ASP A 1024 -7.59 -29.09 16.79
CA ASP A 1024 -8.54 -29.88 17.55
C ASP A 1024 -9.99 -29.48 17.33
N GLY A 1025 -10.80 -30.48 17.05
CA GLY A 1025 -12.20 -30.23 16.86
C GLY A 1025 -12.50 -29.43 15.62
N MET A 1026 -11.50 -29.31 14.74
CA MET A 1026 -11.66 -28.55 13.50
C MET A 1026 -12.12 -27.11 13.76
N VAL A 1027 -11.65 -26.54 14.87
CA VAL A 1027 -11.99 -25.17 15.25
C VAL A 1027 -10.77 -24.24 15.12
N ALA A 1028 -10.99 -23.14 14.39
CA ALA A 1028 -9.91 -22.15 14.19
C ALA A 1028 -10.07 -21.10 15.26
N PRO A 1029 -9.11 -21.01 16.20
CA PRO A 1029 -9.16 -20.03 17.28
C PRO A 1029 -9.01 -18.57 16.79
N GLU A 1030 -9.61 -17.61 17.47
CA GLU A 1030 -9.41 -16.21 17.08
C GLU A 1030 -7.98 -15.78 17.50
N VAL A 1031 -7.50 -14.71 16.89
CA VAL A 1031 -6.15 -14.25 17.17
C VAL A 1031 -6.10 -13.14 18.20
N CYS A 1032 -4.90 -12.89 18.71
CA CYS A 1032 -4.62 -11.83 19.70
C CYS A 1032 -4.54 -10.44 19.04
N PRO A 1033 -4.69 -9.38 19.85
CA PRO A 1033 -4.59 -8.00 19.30
C PRO A 1033 -3.20 -7.84 18.61
N MET A 1034 -3.26 -7.24 17.41
CA MET A 1034 -2.12 -6.97 16.51
C MET A 1034 -1.55 -8.22 15.86
N GLU A 1035 -2.21 -9.36 16.03
CA GLU A 1035 -1.76 -10.58 15.38
C GLU A 1035 -2.56 -10.86 14.12
N THR A 1036 -1.95 -11.65 13.21
CA THR A 1036 -2.57 -12.07 11.94
C THR A 1036 -2.25 -13.59 11.80
N ALA A 1037 -3.28 -14.40 11.49
CA ALA A 1037 -3.10 -15.85 11.34
C ALA A 1037 -3.82 -16.30 10.10
N ALA A 1038 -3.43 -17.45 9.54
CA ALA A 1038 -4.11 -18.00 8.38
C ALA A 1038 -4.58 -19.43 8.71
N TYR A 1039 -5.75 -19.75 8.17
CA TYR A 1039 -6.34 -21.08 8.36
C TYR A 1039 -6.86 -21.61 7.06
N VAL A 1040 -6.78 -22.93 6.91
CA VAL A 1040 -7.35 -23.59 5.75
C VAL A 1040 -8.30 -24.69 6.24
N SER A 1041 -9.56 -24.61 5.81
CA SER A 1041 -10.56 -25.66 6.11
C SER A 1041 -10.67 -26.60 4.88
N SER A 1042 -10.77 -27.92 5.16
CA SER A 1042 -10.90 -28.95 4.08
C SER A 1042 -12.31 -29.54 4.23
N HIS A 1043 -12.95 -29.78 3.09
CA HIS A 1043 -14.37 -30.21 3.07
C HIS A 1043 -14.54 -31.37 2.12
N SER A 1044 -15.29 -32.35 2.63
CA SER A 1044 -15.51 -33.56 1.87
C SER A 1044 -16.67 -33.51 0.91
C1 NAG B . 10.07 -31.21 -3.78
C2 NAG B . 10.39 -32.60 -4.33
C3 NAG B . 10.39 -33.66 -3.23
C4 NAG B . 11.38 -33.24 -2.16
C5 NAG B . 10.94 -31.88 -1.65
C6 NAG B . 11.74 -31.36 -0.47
C7 NAG B . 9.86 -32.87 -6.63
C8 NAG B . 11.27 -33.39 -6.98
N2 NAG B . 9.47 -32.98 -5.36
O3 NAG B . 10.77 -34.91 -3.79
O4 NAG B . 11.42 -34.21 -1.11
O5 NAG B . 10.99 -30.89 -2.71
O6 NAG B . 11.18 -31.81 0.75
O7 NAG B . 9.16 -32.36 -7.51
ZN ZN C . 14.26 -0.61 -9.06
C15 GB3 D . 20.23 5.35 -12.08
C14 GB3 D . 19.92 6.21 -13.18
C13 GB3 D . 19.49 5.69 -14.43
C12 GB3 D . 19.38 4.29 -14.55
C11 GB3 D . 19.68 3.38 -13.49
C10 GB3 D . 20.11 3.91 -12.21
C8 GB3 D . 20.49 3.00 -11.03
C9 GB3 D . 21.65 2.05 -11.39
O9 GB3 D . 21.98 1.31 -10.22
N7 GB3 D . 19.22 2.36 -10.68
C6 GB3 D . 17.99 3.03 -10.24
C5 GB3 D . 16.90 2.17 -9.62
N1 GB3 D . 16.01 3.01 -8.79
C2 GB3 D . 14.92 3.54 -9.60
C3 GB3 D . 14.53 2.28 -10.34
O3 GB3 D . 13.61 1.38 -9.74
C4 GB3 D . 15.89 1.66 -10.65
O4 GB3 D . 15.85 0.25 -10.50
C21 GB3 D . 13.77 4.03 -8.75
C1 MPD E . 28.59 11.85 -2.23
C2 MPD E . 27.93 10.65 -2.86
O2 MPD E . 27.30 9.85 -1.78
CM MPD E . 26.81 11.08 -3.81
C3 MPD E . 29.06 9.85 -3.60
C4 MPD E . 28.79 8.47 -4.18
O4 MPD E . 30.00 7.67 -4.12
C5 MPD E . 28.38 8.61 -5.66
#